data_2DQ0
#
_entry.id   2DQ0
#
_cell.length_a   96.038
_cell.length_b   120.037
_cell.length_c   126.508
_cell.angle_alpha   90.00
_cell.angle_beta   90.00
_cell.angle_gamma   90.00
#
_symmetry.space_group_name_H-M   'P 21 21 21'
#
loop_
_entity.id
_entity.type
_entity.pdbx_description
1 polymer 'Seryl-tRNA synthetase'
2 non-polymer 'SULFATE ION'
3 non-polymer "5'-O-(N-(L-SERYL)-SULFAMOYL)ADENOSINE"
4 water water
#
_entity_poly.entity_id   1
_entity_poly.type   'polypeptide(L)'
_entity_poly.pdbx_seq_one_letter_code
;MLDIKLIRENPELVKNDLIKRGELEKVKWVDEILKLDTEWRTKLKEINRLRHERNKIAVEIGKRRKKGEPVDELLAKSRE
IVKRIGELENEVEELKKKIDYYLWRLPNITHPSVPVGKDENDNVPIRFWGKARVWKGHLERFLEQSQGKMEYEILEWKPK
LHVDLLEILGGADFARAAKVSGSRFYYLLNEIVILDLALIRFALDRLIEKGFTPVIPPYMVRRFVEEGSTSFEDFEDVIY
KVEDEDLYLIPTAEHPLAGMHANEILDGKDLPLLYVGVSPCFRKEAGTAGKDTKGIFRVHQFHKVEQFVYSRPEESWEWH
EKIIRNAEELFQELEIPYRVVNICTGDLGYVAAKKYDIEAWMPGQGKFREVVSASNCTDWQARRLNIRFRDRTDEKPRYV
HTLNSTAIATSRAIVAILENHQEEDGTVRIPKVLWKYTGFKEIVPVEKKERCCAT
;
_entity_poly.pdbx_strand_id   A,B
#
# COMPACT_ATOMS: atom_id res chain seq x y z
N MET A 1 0.99 -23.38 -13.52
CA MET A 1 1.89 -24.45 -14.09
C MET A 1 1.13 -25.72 -14.45
N LEU A 2 1.40 -26.25 -15.65
CA LEU A 2 0.73 -27.48 -16.05
C LEU A 2 1.53 -28.69 -15.62
N ASP A 3 0.78 -29.74 -15.29
CA ASP A 3 1.34 -31.02 -14.87
C ASP A 3 1.97 -31.65 -16.10
N ILE A 4 3.25 -31.98 -16.00
CA ILE A 4 3.92 -32.59 -17.15
C ILE A 4 3.15 -33.84 -17.58
N LYS A 5 2.60 -34.58 -16.61
CA LYS A 5 1.84 -35.79 -16.90
C LYS A 5 0.72 -35.53 -17.91
N LEU A 6 -0.03 -34.46 -17.66
CA LEU A 6 -1.15 -34.10 -18.51
C LEU A 6 -0.77 -33.83 -19.96
N ILE A 7 0.39 -33.23 -20.18
CA ILE A 7 0.78 -32.95 -21.55
C ILE A 7 1.30 -34.25 -22.17
N ARG A 8 1.77 -35.18 -21.33
CA ARG A 8 2.27 -36.43 -21.87
C ARG A 8 1.11 -37.35 -22.22
N GLU A 9 0.09 -37.38 -21.35
CA GLU A 9 -1.06 -38.24 -21.57
C GLU A 9 -2.19 -37.64 -22.41
N ASN A 10 -2.02 -36.41 -22.90
CA ASN A 10 -3.04 -35.83 -23.79
C ASN A 10 -2.68 -34.51 -24.44
N PRO A 11 -1.58 -34.49 -25.18
CA PRO A 11 -1.12 -33.27 -25.87
C PRO A 11 -2.15 -32.59 -26.76
N GLU A 12 -3.02 -33.37 -27.40
CA GLU A 12 -4.04 -32.78 -28.26
C GLU A 12 -5.03 -32.00 -27.42
N LEU A 13 -5.32 -32.48 -26.21
CA LEU A 13 -6.23 -31.80 -25.32
C LEU A 13 -5.68 -30.42 -24.99
N VAL A 14 -4.39 -30.35 -24.70
CA VAL A 14 -3.77 -29.08 -24.36
C VAL A 14 -3.58 -28.16 -25.58
N LYS A 15 -3.34 -28.74 -26.74
CA LYS A 15 -3.19 -27.91 -27.94
C LYS A 15 -4.52 -27.28 -28.32
N ASN A 16 -5.59 -28.07 -28.28
CA ASN A 16 -6.90 -27.56 -28.64
C ASN A 16 -7.39 -26.50 -27.66
N ASP A 17 -7.01 -26.62 -26.40
CA ASP A 17 -7.46 -25.65 -25.41
C ASP A 17 -6.73 -24.34 -25.69
N LEU A 18 -5.44 -24.46 -26.01
CA LEU A 18 -4.60 -23.32 -26.34
C LEU A 18 -5.26 -22.56 -27.48
N ILE A 19 -5.87 -23.30 -28.41
CA ILE A 19 -6.53 -22.67 -29.54
C ILE A 19 -7.86 -22.06 -29.11
N LYS A 20 -8.57 -22.71 -28.19
CA LYS A 20 -9.82 -22.15 -27.72
C LYS A 20 -9.50 -20.87 -26.95
N ARG A 21 -8.25 -20.76 -26.47
CA ARG A 21 -7.83 -19.61 -25.69
C ARG A 21 -7.25 -18.50 -26.51
N GLY A 22 -6.89 -18.80 -27.76
CA GLY A 22 -6.31 -17.77 -28.60
C GLY A 22 -4.81 -17.68 -28.34
N GLU A 23 -4.24 -18.74 -27.81
CA GLU A 23 -2.81 -18.76 -27.53
C GLU A 23 -2.14 -19.63 -28.58
N LEU A 24 -2.38 -19.31 -29.84
CA LEU A 24 -1.80 -20.10 -30.91
C LEU A 24 -0.29 -20.08 -30.97
N GLU A 25 0.32 -18.97 -30.64
CA GLU A 25 1.78 -18.91 -30.72
C GLU A 25 2.43 -19.84 -29.70
N LYS A 26 1.59 -20.51 -28.90
CA LYS A 26 2.09 -21.43 -27.88
C LYS A 26 1.70 -22.88 -28.10
N VAL A 27 0.98 -23.15 -29.19
CA VAL A 27 0.61 -24.54 -29.45
C VAL A 27 1.89 -25.32 -29.75
N LYS A 28 2.80 -24.70 -30.51
CA LYS A 28 4.06 -25.33 -30.88
C LYS A 28 4.92 -25.75 -29.68
N TRP A 29 4.48 -25.38 -28.49
CA TRP A 29 5.21 -25.70 -27.27
C TRP A 29 4.95 -27.12 -26.77
N VAL A 30 3.74 -27.62 -27.02
CA VAL A 30 3.39 -28.95 -26.56
C VAL A 30 4.37 -29.99 -27.10
N ASP A 31 4.74 -29.85 -28.37
CA ASP A 31 5.67 -30.78 -28.98
C ASP A 31 7.07 -30.53 -28.45
N GLU A 32 7.38 -29.25 -28.23
CA GLU A 32 8.70 -28.91 -27.73
C GLU A 32 8.95 -29.55 -26.35
N ILE A 33 7.98 -29.43 -25.44
CA ILE A 33 8.16 -30.00 -24.12
C ILE A 33 8.21 -31.52 -24.22
N LEU A 34 7.51 -32.06 -25.20
CA LEU A 34 7.49 -33.50 -25.40
C LEU A 34 8.85 -34.06 -25.84
N LYS A 35 9.45 -33.42 -26.84
CA LYS A 35 10.75 -33.89 -27.32
C LYS A 35 11.81 -33.66 -26.25
N LEU A 36 11.58 -32.66 -25.40
CA LEU A 36 12.52 -32.37 -24.34
C LEU A 36 12.37 -33.42 -23.26
N ASP A 37 11.12 -33.72 -22.92
CA ASP A 37 10.80 -34.70 -21.89
C ASP A 37 11.39 -36.04 -22.33
N THR A 38 11.24 -36.34 -23.61
CA THR A 38 11.75 -37.59 -24.14
C THR A 38 13.27 -37.62 -24.00
N GLU A 39 13.93 -36.55 -24.40
CA GLU A 39 15.38 -36.50 -24.29
C GLU A 39 15.77 -36.66 -22.81
N TRP A 40 15.01 -36.01 -21.94
CA TRP A 40 15.20 -36.04 -20.50
C TRP A 40 15.21 -37.47 -19.97
N ARG A 41 14.16 -38.24 -20.27
CA ARG A 41 14.10 -39.61 -19.80
C ARG A 41 15.13 -40.53 -20.46
N THR A 42 15.54 -40.20 -21.68
CA THR A 42 16.51 -41.04 -22.36
C THR A 42 17.84 -40.91 -21.64
N LYS A 43 18.25 -39.68 -21.35
CA LYS A 43 19.53 -39.50 -20.68
C LYS A 43 19.53 -40.14 -19.30
N LEU A 44 18.40 -40.08 -18.61
CA LEU A 44 18.30 -40.68 -17.29
C LEU A 44 18.47 -42.20 -17.37
N LYS A 45 17.88 -42.82 -18.38
CA LYS A 45 18.02 -44.27 -18.54
C LYS A 45 19.49 -44.56 -18.83
N GLU A 46 20.14 -43.66 -19.55
CA GLU A 46 21.56 -43.78 -19.87
C GLU A 46 22.36 -43.79 -18.56
N ILE A 47 22.02 -42.85 -17.68
CA ILE A 47 22.69 -42.73 -16.39
C ILE A 47 22.60 -44.03 -15.58
N ASN A 48 21.41 -44.61 -15.50
CA ASN A 48 21.29 -45.86 -14.78
C ASN A 48 22.14 -46.94 -15.43
N ARG A 49 22.15 -46.97 -16.76
CA ARG A 49 22.93 -47.94 -17.52
C ARG A 49 24.35 -47.78 -17.04
N LEU A 50 24.78 -46.53 -16.93
CA LEU A 50 26.15 -46.26 -16.49
C LEU A 50 26.37 -46.60 -15.03
N ARG A 51 25.39 -46.31 -14.17
CA ARG A 51 25.54 -46.65 -12.75
C ARG A 51 25.76 -48.16 -12.62
N HIS A 52 25.02 -48.93 -13.41
CA HIS A 52 25.11 -50.38 -13.40
C HIS A 52 26.48 -50.86 -13.88
N GLU A 53 27.00 -50.20 -14.91
CA GLU A 53 28.30 -50.56 -15.47
C GLU A 53 29.38 -50.28 -14.41
N ARG A 54 29.20 -49.17 -13.67
CA ARG A 54 30.13 -48.79 -12.61
C ARG A 54 30.28 -49.97 -11.64
N ASN A 55 29.14 -50.59 -11.33
CA ASN A 55 29.09 -51.72 -10.42
C ASN A 55 29.83 -52.91 -11.02
N LYS A 56 29.56 -53.23 -12.29
CA LYS A 56 30.21 -54.37 -12.95
C LYS A 56 31.72 -54.17 -13.01
N ILE A 57 32.14 -53.03 -13.53
CA ILE A 57 33.56 -52.74 -13.64
C ILE A 57 34.22 -52.83 -12.27
N ALA A 58 33.44 -52.56 -11.23
CA ALA A 58 33.97 -52.59 -9.86
C ALA A 58 34.24 -54.02 -9.43
N VAL A 59 33.21 -54.87 -9.46
CA VAL A 59 33.39 -56.26 -9.05
C VAL A 59 34.48 -56.91 -9.92
N GLU A 60 34.68 -56.37 -11.12
CA GLU A 60 35.67 -56.89 -12.03
C GLU A 60 37.11 -56.55 -11.71
N ILE A 61 37.34 -55.34 -11.19
CA ILE A 61 38.68 -54.94 -10.81
C ILE A 61 39.12 -55.80 -9.63
N GLY A 62 38.24 -55.93 -8.65
CA GLY A 62 38.54 -56.74 -7.48
C GLY A 62 38.70 -58.21 -7.83
N LYS A 63 37.90 -58.69 -8.77
CA LYS A 63 37.96 -60.09 -9.18
C LYS A 63 39.35 -60.40 -9.73
N ARG A 64 40.06 -59.34 -10.12
CA ARG A 64 41.40 -59.48 -10.65
C ARG A 64 42.42 -59.34 -9.54
N ARG A 65 42.02 -58.68 -8.46
CA ARG A 65 42.90 -58.49 -7.31
C ARG A 65 43.30 -59.85 -6.75
N LYS A 66 42.50 -60.87 -7.07
CA LYS A 66 42.78 -62.23 -6.63
C LYS A 66 43.52 -62.96 -7.73
N LYS A 67 43.45 -62.38 -8.93
CA LYS A 67 44.09 -62.94 -10.11
C LYS A 67 45.30 -62.10 -10.51
N GLY A 68 45.60 -62.07 -11.82
CA GLY A 68 46.73 -61.30 -12.32
C GLY A 68 46.57 -59.81 -12.03
N GLU A 69 45.34 -59.32 -12.12
CA GLU A 69 45.02 -57.92 -11.85
C GLU A 69 45.67 -56.86 -12.75
N PRO A 70 45.40 -56.92 -14.06
CA PRO A 70 45.98 -55.92 -14.95
C PRO A 70 45.07 -54.68 -14.97
N VAL A 71 44.26 -54.57 -13.93
CA VAL A 71 43.27 -53.50 -13.75
C VAL A 71 43.37 -52.19 -14.53
N ASP A 72 44.53 -51.55 -14.48
CA ASP A 72 44.80 -50.28 -15.17
C ASP A 72 43.75 -49.74 -16.14
N GLU A 73 43.32 -50.60 -17.08
CA GLU A 73 42.33 -50.22 -18.07
C GLU A 73 40.98 -49.98 -17.40
N LEU A 74 40.50 -50.99 -16.67
CA LEU A 74 39.23 -50.91 -15.96
C LEU A 74 39.16 -49.60 -15.14
N LEU A 75 40.27 -49.22 -14.52
CA LEU A 75 40.35 -48.00 -13.73
C LEU A 75 40.15 -46.77 -14.59
N ALA A 76 40.55 -46.83 -15.85
CA ALA A 76 40.38 -45.71 -16.77
C ALA A 76 38.95 -45.69 -17.33
N LYS A 77 38.37 -46.88 -17.49
CA LYS A 77 37.00 -46.96 -17.98
C LYS A 77 36.14 -46.41 -16.84
N SER A 78 36.51 -46.79 -15.62
CA SER A 78 35.81 -46.32 -14.43
C SER A 78 35.81 -44.79 -14.40
N ARG A 79 36.96 -44.20 -14.70
CA ARG A 79 37.12 -42.74 -14.73
C ARG A 79 36.22 -42.07 -15.77
N GLU A 80 35.94 -42.76 -16.87
CA GLU A 80 35.09 -42.15 -17.87
C GLU A 80 33.61 -42.26 -17.51
N ILE A 81 33.24 -43.29 -16.75
CA ILE A 81 31.86 -43.44 -16.36
C ILE A 81 31.42 -42.30 -15.44
N VAL A 82 32.24 -41.99 -14.43
CA VAL A 82 31.90 -40.88 -13.55
C VAL A 82 31.88 -39.57 -14.33
N LYS A 83 32.86 -39.38 -15.21
CA LYS A 83 32.94 -38.16 -16.04
C LYS A 83 31.66 -38.03 -16.84
N ARG A 84 31.24 -39.15 -17.42
CA ARG A 84 30.04 -39.19 -18.25
C ARG A 84 28.77 -38.99 -17.43
N ILE A 85 28.69 -39.72 -16.32
CA ILE A 85 27.53 -39.64 -15.42
C ILE A 85 27.26 -38.17 -15.04
N GLY A 86 28.32 -37.46 -14.63
CA GLY A 86 28.14 -36.07 -14.26
C GLY A 86 27.57 -35.24 -15.39
N GLU A 87 28.13 -35.40 -16.59
CA GLU A 87 27.68 -34.67 -17.76
C GLU A 87 26.21 -34.92 -18.00
N LEU A 88 25.82 -36.18 -18.05
CA LEU A 88 24.42 -36.51 -18.25
C LEU A 88 23.56 -35.82 -17.19
N GLU A 89 24.02 -35.88 -15.94
CA GLU A 89 23.27 -35.27 -14.85
C GLU A 89 23.06 -33.77 -15.08
N ASN A 90 24.13 -33.08 -15.44
CA ASN A 90 24.00 -31.67 -15.69
C ASN A 90 23.21 -31.41 -16.95
N GLU A 91 23.25 -32.35 -17.89
CA GLU A 91 22.48 -32.17 -19.12
C GLU A 91 21.01 -32.36 -18.78
N VAL A 92 20.73 -33.23 -17.82
CA VAL A 92 19.35 -33.49 -17.43
C VAL A 92 18.79 -32.31 -16.65
N GLU A 93 19.65 -31.58 -15.95
CA GLU A 93 19.17 -30.43 -15.23
C GLU A 93 18.70 -29.38 -16.23
N GLU A 94 19.61 -28.99 -17.12
CA GLU A 94 19.30 -27.98 -18.14
C GLU A 94 18.00 -28.33 -18.85
N LEU A 95 17.80 -29.61 -19.12
CA LEU A 95 16.59 -30.06 -19.79
C LEU A 95 15.34 -29.78 -18.95
N LYS A 96 15.40 -30.10 -17.65
CA LYS A 96 14.26 -29.84 -16.77
C LYS A 96 13.98 -28.34 -16.73
N LYS A 97 15.05 -27.56 -16.82
CA LYS A 97 14.94 -26.12 -16.79
C LYS A 97 14.11 -25.62 -17.98
N LYS A 98 14.45 -26.09 -19.18
CA LYS A 98 13.74 -25.67 -20.39
C LYS A 98 12.30 -26.17 -20.37
N ILE A 99 12.09 -27.36 -19.81
CA ILE A 99 10.75 -27.90 -19.76
C ILE A 99 9.85 -27.05 -18.85
N ASP A 100 10.33 -26.78 -17.63
CA ASP A 100 9.57 -26.00 -16.67
C ASP A 100 9.29 -24.59 -17.17
N TYR A 101 10.26 -23.99 -17.87
CA TYR A 101 10.09 -22.65 -18.43
C TYR A 101 8.78 -22.58 -19.19
N TYR A 102 8.51 -23.58 -20.01
CA TYR A 102 7.26 -23.63 -20.77
C TYR A 102 6.10 -23.99 -19.85
N LEU A 103 6.30 -24.96 -18.98
CA LEU A 103 5.22 -25.35 -18.10
C LEU A 103 4.65 -24.20 -17.29
N TRP A 104 5.51 -23.29 -16.83
CA TRP A 104 5.09 -22.15 -16.03
C TRP A 104 4.45 -21.08 -16.88
N ARG A 105 4.68 -21.20 -18.18
CA ARG A 105 4.17 -20.21 -19.09
C ARG A 105 3.00 -20.70 -19.93
N LEU A 106 2.31 -21.72 -19.43
CA LEU A 106 1.14 -22.26 -20.12
C LEU A 106 -0.09 -22.05 -19.23
N PRO A 107 -1.20 -21.58 -19.82
CA PRO A 107 -2.39 -21.35 -19.02
C PRO A 107 -3.09 -22.62 -18.58
N ASN A 108 -3.87 -22.49 -17.50
CA ASN A 108 -4.62 -23.61 -16.97
C ASN A 108 -5.57 -24.12 -18.04
N ILE A 109 -5.81 -25.42 -18.03
CA ILE A 109 -6.71 -26.03 -18.98
C ILE A 109 -8.10 -25.61 -18.55
N THR A 110 -8.91 -25.16 -19.50
CA THR A 110 -10.27 -24.73 -19.22
C THR A 110 -11.19 -25.90 -18.94
N HIS A 111 -12.22 -25.64 -18.16
CA HIS A 111 -13.22 -26.62 -17.83
C HIS A 111 -14.18 -26.78 -19.02
N PRO A 112 -14.77 -27.97 -19.17
CA PRO A 112 -15.71 -28.21 -20.28
C PRO A 112 -16.87 -27.23 -20.30
N SER A 113 -17.25 -26.71 -19.12
CA SER A 113 -18.38 -25.79 -19.05
C SER A 113 -18.11 -24.38 -19.52
N VAL A 114 -16.85 -24.00 -19.72
CA VAL A 114 -16.60 -22.65 -20.17
C VAL A 114 -16.82 -22.58 -21.65
N PRO A 115 -17.70 -21.65 -22.06
CA PRO A 115 -18.08 -21.40 -23.46
C PRO A 115 -16.90 -20.92 -24.28
N VAL A 116 -16.88 -21.25 -25.58
CA VAL A 116 -15.78 -20.82 -26.43
C VAL A 116 -16.03 -19.44 -27.02
N GLY A 117 -14.99 -18.62 -27.08
CA GLY A 117 -15.14 -17.27 -27.58
C GLY A 117 -13.83 -16.55 -27.83
N LYS A 118 -13.94 -15.41 -28.50
CA LYS A 118 -12.77 -14.62 -28.85
C LYS A 118 -12.44 -13.60 -27.75
N ASP A 119 -13.48 -12.97 -27.20
CA ASP A 119 -13.30 -11.94 -26.16
C ASP A 119 -14.55 -11.67 -25.31
N GLU A 120 -14.56 -10.54 -24.60
CA GLU A 120 -15.68 -10.15 -23.72
C GLU A 120 -17.06 -10.18 -24.38
N ASN A 121 -17.11 -10.08 -25.70
CA ASN A 121 -18.39 -10.11 -26.39
C ASN A 121 -18.96 -11.51 -26.52
N ASP A 122 -18.13 -12.51 -26.21
CA ASP A 122 -18.57 -13.90 -26.29
C ASP A 122 -18.85 -14.47 -24.90
N ASN A 123 -18.68 -13.62 -23.88
CA ASN A 123 -18.97 -14.08 -22.54
C ASN A 123 -20.46 -14.39 -22.51
N VAL A 124 -20.85 -15.38 -21.73
CA VAL A 124 -22.24 -15.76 -21.68
C VAL A 124 -22.96 -15.43 -20.40
N PRO A 125 -24.05 -14.65 -20.49
CA PRO A 125 -24.84 -14.25 -19.31
C PRO A 125 -25.58 -15.52 -18.91
N ILE A 126 -25.66 -15.81 -17.62
CA ILE A 126 -26.32 -17.04 -17.18
C ILE A 126 -27.32 -16.82 -16.06
N ARG A 127 -27.41 -15.58 -15.60
CA ARG A 127 -28.29 -15.29 -14.48
C ARG A 127 -28.47 -13.77 -14.36
N PHE A 128 -29.66 -13.34 -13.96
CA PHE A 128 -29.94 -11.92 -13.81
C PHE A 128 -30.69 -11.70 -12.52
N TRP A 129 -30.49 -10.53 -11.90
CA TRP A 129 -31.18 -10.25 -10.65
C TRP A 129 -31.50 -8.76 -10.55
N GLY A 130 -32.66 -8.42 -9.96
CA GLY A 130 -33.02 -7.01 -9.74
C GLY A 130 -33.83 -6.25 -10.77
N LYS A 131 -34.22 -5.02 -10.40
CA LYS A 131 -35.01 -4.15 -11.28
C LYS A 131 -34.20 -2.92 -11.66
N ALA A 132 -33.63 -2.99 -12.85
CA ALA A 132 -32.80 -1.92 -13.39
C ALA A 132 -33.55 -0.66 -13.72
N ARG A 133 -32.90 0.46 -13.43
CA ARG A 133 -33.47 1.75 -13.74
C ARG A 133 -32.71 2.19 -15.00
N VAL A 134 -33.41 2.15 -16.12
CA VAL A 134 -32.87 2.50 -17.42
C VAL A 134 -33.34 3.84 -18.00
N TRP A 135 -32.39 4.60 -18.53
CA TRP A 135 -32.71 5.87 -19.18
C TRP A 135 -33.36 5.56 -20.52
N LYS A 136 -34.35 6.35 -20.92
CA LYS A 136 -35.03 6.11 -22.19
C LYS A 136 -34.02 5.92 -23.32
N GLY A 137 -32.90 6.64 -23.26
CA GLY A 137 -31.86 6.56 -24.28
C GLY A 137 -30.91 5.37 -24.29
N HIS A 138 -31.08 4.45 -23.35
CA HIS A 138 -30.21 3.26 -23.27
C HIS A 138 -31.03 1.98 -23.40
N LEU A 139 -32.32 2.17 -23.63
CA LEU A 139 -33.28 1.08 -23.74
C LEU A 139 -32.90 -0.10 -24.64
N GLU A 140 -32.37 0.18 -25.82
CA GLU A 140 -32.02 -0.93 -26.69
C GLU A 140 -30.79 -1.63 -26.13
N ARG A 141 -29.75 -0.86 -25.79
CA ARG A 141 -28.56 -1.48 -25.25
C ARG A 141 -28.95 -2.32 -24.04
N PHE A 142 -29.72 -1.74 -23.12
CA PHE A 142 -30.11 -2.49 -21.96
C PHE A 142 -30.79 -3.80 -22.31
N LEU A 143 -31.75 -3.75 -23.23
CA LEU A 143 -32.51 -4.94 -23.62
C LEU A 143 -31.69 -6.03 -24.26
N GLU A 144 -30.70 -5.63 -25.06
CA GLU A 144 -29.83 -6.57 -25.74
C GLU A 144 -28.94 -7.23 -24.69
N GLN A 145 -28.39 -6.42 -23.80
CA GLN A 145 -27.50 -6.94 -22.77
C GLN A 145 -28.23 -7.81 -21.74
N SER A 146 -29.49 -7.51 -21.48
CA SER A 146 -30.25 -8.28 -20.52
C SER A 146 -30.97 -9.46 -21.17
N GLN A 147 -31.02 -9.46 -22.51
CA GLN A 147 -31.69 -10.54 -23.22
C GLN A 147 -33.16 -10.59 -22.81
N GLY A 148 -33.73 -9.43 -22.49
CA GLY A 148 -35.13 -9.38 -22.08
C GLY A 148 -35.45 -10.19 -20.85
N LYS A 149 -34.44 -10.83 -20.28
CA LYS A 149 -34.60 -11.66 -19.10
C LYS A 149 -34.50 -10.90 -17.77
N MET A 150 -34.52 -9.57 -17.79
CA MET A 150 -34.38 -8.81 -16.54
C MET A 150 -35.44 -7.72 -16.38
N GLU A 151 -36.03 -7.64 -15.19
CA GLU A 151 -37.06 -6.65 -14.94
C GLU A 151 -36.43 -5.27 -14.96
N TYR A 152 -37.22 -4.24 -15.30
CA TYR A 152 -36.66 -2.89 -15.35
C TYR A 152 -37.68 -1.78 -15.39
N GLU A 153 -37.26 -0.61 -14.93
CA GLU A 153 -38.10 0.57 -14.87
C GLU A 153 -37.44 1.62 -15.76
N ILE A 154 -38.25 2.34 -16.52
CA ILE A 154 -37.73 3.38 -17.41
C ILE A 154 -37.66 4.67 -16.62
N LEU A 155 -36.55 5.39 -16.78
CA LEU A 155 -36.37 6.64 -16.07
C LEU A 155 -36.64 7.81 -16.98
N GLU A 156 -37.31 8.80 -16.38
CA GLU A 156 -37.65 10.04 -17.05
C GLU A 156 -36.37 10.81 -17.39
N TRP A 157 -35.80 11.39 -16.33
CA TRP A 157 -34.58 12.18 -16.39
C TRP A 157 -33.38 11.33 -16.73
N LYS A 158 -32.29 11.97 -17.12
CA LYS A 158 -31.08 11.22 -17.45
C LYS A 158 -30.22 10.98 -16.20
N PRO A 159 -29.99 9.70 -15.85
CA PRO A 159 -29.17 9.39 -14.68
C PRO A 159 -27.70 9.79 -14.89
N LYS A 160 -27.07 10.33 -13.85
CA LYS A 160 -25.69 10.79 -13.94
C LYS A 160 -24.60 9.72 -13.77
N LEU A 161 -23.41 10.04 -14.24
CA LEU A 161 -22.27 9.15 -14.13
C LEU A 161 -21.72 9.27 -12.72
N HIS A 162 -21.13 8.19 -12.22
CA HIS A 162 -20.63 8.22 -10.85
C HIS A 162 -19.64 9.37 -10.57
N VAL A 163 -18.81 9.66 -11.57
CA VAL A 163 -17.83 10.72 -11.42
C VAL A 163 -18.54 12.03 -11.11
N ASP A 164 -19.57 12.34 -11.89
CA ASP A 164 -20.29 13.57 -11.65
C ASP A 164 -20.97 13.58 -10.29
N LEU A 165 -21.47 12.42 -9.86
CA LEU A 165 -22.11 12.33 -8.56
C LEU A 165 -21.08 12.58 -7.44
N LEU A 166 -19.86 12.08 -7.59
CA LEU A 166 -18.88 12.32 -6.53
C LEU A 166 -18.68 13.80 -6.33
N GLU A 167 -18.76 14.54 -7.44
CA GLU A 167 -18.57 15.99 -7.46
C GLU A 167 -19.71 16.72 -6.76
N ILE A 168 -20.94 16.45 -7.18
CA ILE A 168 -22.07 17.13 -6.58
C ILE A 168 -22.22 16.73 -5.11
N LEU A 169 -21.74 15.55 -4.76
CA LEU A 169 -21.80 15.06 -3.40
C LEU A 169 -20.60 15.49 -2.54
N GLY A 170 -19.62 16.15 -3.16
CA GLY A 170 -18.43 16.58 -2.44
C GLY A 170 -17.63 15.41 -1.90
N GLY A 171 -17.62 14.29 -2.63
CA GLY A 171 -16.94 13.10 -2.16
C GLY A 171 -15.59 12.72 -2.71
N ALA A 172 -15.00 13.56 -3.55
CA ALA A 172 -13.70 13.24 -4.10
C ALA A 172 -13.00 14.49 -4.62
N ASP A 173 -11.69 14.38 -4.79
CA ASP A 173 -10.93 15.48 -5.34
C ASP A 173 -9.93 14.74 -6.23
N PHE A 174 -10.15 14.87 -7.54
CA PHE A 174 -9.31 14.23 -8.52
C PHE A 174 -8.13 15.11 -8.91
N ALA A 175 -8.42 16.37 -9.16
CA ALA A 175 -7.39 17.27 -9.60
C ALA A 175 -6.21 17.33 -8.65
N ARG A 176 -6.46 17.37 -7.34
CA ARG A 176 -5.32 17.44 -6.45
C ARG A 176 -4.59 16.10 -6.37
N ALA A 177 -5.27 15.02 -6.71
CA ALA A 177 -4.62 13.73 -6.70
C ALA A 177 -3.65 13.62 -7.88
N ALA A 178 -4.05 14.19 -9.02
CA ALA A 178 -3.22 14.17 -10.22
C ALA A 178 -1.92 14.95 -10.02
N LYS A 179 -2.02 16.05 -9.27
CA LYS A 179 -0.87 16.91 -8.93
C LYS A 179 0.10 16.18 -7.99
N VAL A 180 -0.44 15.47 -7.02
CA VAL A 180 0.32 14.75 -6.04
C VAL A 180 0.87 13.40 -6.48
N SER A 181 0.11 12.69 -7.29
CA SER A 181 0.52 11.34 -7.71
C SER A 181 0.46 11.04 -9.21
N GLY A 182 -0.44 11.70 -9.93
CA GLY A 182 -0.55 11.41 -11.34
C GLY A 182 -1.96 10.95 -11.59
N SER A 183 -2.26 10.62 -12.85
CA SER A 183 -3.60 10.22 -13.23
C SER A 183 -4.06 8.88 -12.65
N ARG A 184 -5.38 8.75 -12.51
CA ARG A 184 -6.00 7.56 -11.97
C ARG A 184 -5.70 7.23 -10.49
N PHE A 185 -5.37 8.29 -9.73
CA PHE A 185 -5.19 8.25 -8.28
C PHE A 185 -6.26 9.25 -7.81
N TYR A 186 -6.59 9.28 -6.54
CA TYR A 186 -7.61 10.19 -6.07
C TYR A 186 -7.59 10.41 -4.56
N TYR A 187 -8.26 11.46 -4.10
CA TYR A 187 -8.44 11.69 -2.67
C TYR A 187 -9.95 11.41 -2.60
N LEU A 188 -10.36 10.60 -1.63
CA LEU A 188 -11.77 10.31 -1.44
C LEU A 188 -12.13 11.13 -0.16
N LEU A 189 -13.31 11.76 -0.17
CA LEU A 189 -13.72 12.63 0.93
C LEU A 189 -15.07 12.35 1.59
N ASN A 190 -15.24 12.94 2.77
CA ASN A 190 -16.45 12.86 3.56
C ASN A 190 -17.22 11.53 3.66
N GLU A 191 -18.51 11.59 3.39
CA GLU A 191 -19.31 10.39 3.53
C GLU A 191 -18.84 9.25 2.66
N ILE A 192 -18.17 9.56 1.55
CA ILE A 192 -17.68 8.48 0.70
C ILE A 192 -16.59 7.67 1.41
N VAL A 193 -15.86 8.31 2.31
CA VAL A 193 -14.82 7.61 3.06
C VAL A 193 -15.52 6.66 4.03
N ILE A 194 -16.59 7.13 4.67
CA ILE A 194 -17.32 6.27 5.58
C ILE A 194 -17.97 5.13 4.80
N LEU A 195 -18.48 5.43 3.61
CA LEU A 195 -19.11 4.41 2.80
C LEU A 195 -18.13 3.28 2.40
N ASP A 196 -16.90 3.69 2.07
CA ASP A 196 -15.85 2.76 1.69
C ASP A 196 -15.59 1.82 2.87
N LEU A 197 -15.30 2.37 4.04
CA LEU A 197 -15.06 1.53 5.21
C LEU A 197 -16.26 0.66 5.53
N ALA A 198 -17.45 1.22 5.41
CA ALA A 198 -18.68 0.49 5.70
C ALA A 198 -18.79 -0.74 4.82
N LEU A 199 -18.49 -0.57 3.53
CA LEU A 199 -18.56 -1.69 2.59
C LEU A 199 -17.59 -2.83 2.96
N ILE A 200 -16.41 -2.48 3.47
CA ILE A 200 -15.42 -3.45 3.92
C ILE A 200 -16.01 -4.25 5.11
N ARG A 201 -16.46 -3.56 6.15
CA ARG A 201 -17.04 -4.22 7.32
C ARG A 201 -18.23 -5.12 6.98
N PHE A 202 -19.14 -4.62 6.15
CA PHE A 202 -20.29 -5.41 5.72
C PHE A 202 -19.81 -6.71 5.08
N ALA A 203 -19.00 -6.61 4.03
CA ALA A 203 -18.47 -7.79 3.35
C ALA A 203 -17.82 -8.70 4.35
N LEU A 204 -16.92 -8.11 5.12
CA LEU A 204 -16.18 -8.83 6.15
C LEU A 204 -17.09 -9.61 7.09
N ASP A 205 -18.12 -8.94 7.61
CA ASP A 205 -19.05 -9.56 8.54
C ASP A 205 -19.77 -10.77 7.97
N ARG A 206 -20.33 -10.61 6.79
CA ARG A 206 -21.05 -11.67 6.16
C ARG A 206 -20.20 -12.92 5.88
N LEU A 207 -18.99 -12.75 5.34
CA LEU A 207 -18.15 -13.90 5.07
C LEU A 207 -17.78 -14.57 6.38
N ILE A 208 -17.57 -13.76 7.42
CA ILE A 208 -17.25 -14.30 8.73
C ILE A 208 -18.40 -15.17 9.24
N GLU A 209 -19.63 -14.70 9.09
CA GLU A 209 -20.77 -15.51 9.52
C GLU A 209 -20.77 -16.85 8.75
N LYS A 210 -20.32 -16.85 7.50
CA LYS A 210 -20.31 -18.09 6.71
C LYS A 210 -19.12 -18.97 7.00
N GLY A 211 -18.36 -18.64 8.04
CA GLY A 211 -17.19 -19.43 8.39
C GLY A 211 -15.80 -19.08 7.89
N PHE A 212 -15.63 -17.89 7.32
CA PHE A 212 -14.30 -17.50 6.82
C PHE A 212 -13.46 -16.79 7.88
N THR A 213 -12.20 -17.20 8.03
CA THR A 213 -11.32 -16.56 9.01
C THR A 213 -10.81 -15.26 8.37
N PRO A 214 -11.10 -14.14 9.02
CA PRO A 214 -10.65 -12.87 8.46
C PRO A 214 -9.15 -12.63 8.55
N VAL A 215 -8.59 -12.01 7.52
CA VAL A 215 -7.17 -11.73 7.55
C VAL A 215 -6.75 -10.44 6.87
N ILE A 216 -5.75 -9.78 7.47
CA ILE A 216 -5.14 -8.60 6.92
C ILE A 216 -3.72 -9.13 6.57
N PRO A 217 -3.46 -9.34 5.28
CA PRO A 217 -2.16 -9.86 4.83
C PRO A 217 -1.09 -8.80 4.64
N PRO A 218 0.12 -9.22 4.25
CA PRO A 218 1.18 -8.24 4.00
C PRO A 218 0.71 -7.56 2.70
N TYR A 219 1.06 -6.31 2.49
CA TYR A 219 0.63 -5.61 1.28
C TYR A 219 1.74 -5.64 0.25
N MET A 220 2.91 -6.06 0.70
CA MET A 220 4.11 -6.17 -0.14
C MET A 220 4.58 -7.61 0.02
N VAL A 221 4.80 -8.30 -1.08
CA VAL A 221 5.28 -9.66 -0.99
C VAL A 221 6.48 -9.88 -1.88
N ARG A 222 7.12 -11.02 -1.66
CA ARG A 222 8.31 -11.47 -2.39
C ARG A 222 7.94 -11.94 -3.80
N ARG A 223 8.84 -11.74 -4.77
CA ARG A 223 8.53 -12.14 -6.15
C ARG A 223 7.92 -13.54 -6.37
N PHE A 224 8.40 -14.54 -5.64
CA PHE A 224 7.90 -15.89 -5.85
C PHE A 224 6.41 -16.03 -5.58
N VAL A 225 5.86 -15.31 -4.61
CA VAL A 225 4.44 -15.45 -4.38
C VAL A 225 3.64 -14.79 -5.52
N GLU A 226 4.27 -13.84 -6.23
CA GLU A 226 3.60 -13.20 -7.36
C GLU A 226 3.66 -14.11 -8.56
N GLU A 227 4.82 -14.74 -8.78
CA GLU A 227 4.89 -15.64 -9.92
C GLU A 227 4.17 -16.95 -9.60
N GLY A 228 3.88 -17.16 -8.32
CA GLY A 228 3.19 -18.36 -7.95
C GLY A 228 1.69 -18.16 -8.08
N SER A 229 1.28 -16.91 -8.22
CA SER A 229 -0.15 -16.58 -8.29
C SER A 229 -0.78 -16.20 -9.63
N THR A 230 0.03 -15.73 -10.57
CA THR A 230 -0.48 -15.33 -11.90
C THR A 230 0.52 -15.59 -12.99
N SER A 231 0.22 -15.08 -14.18
CA SER A 231 1.11 -15.26 -15.30
C SER A 231 2.14 -14.14 -15.29
N PHE A 232 3.32 -14.45 -15.79
CA PHE A 232 4.41 -13.50 -15.84
C PHE A 232 4.11 -12.19 -16.55
N GLU A 233 3.13 -12.17 -17.45
CA GLU A 233 2.79 -10.94 -18.15
C GLU A 233 2.34 -9.86 -17.16
N ASP A 234 1.76 -10.29 -16.04
CA ASP A 234 1.30 -9.36 -15.03
C ASP A 234 2.40 -8.44 -14.48
N PHE A 235 3.66 -8.91 -14.46
CA PHE A 235 4.77 -8.08 -13.96
C PHE A 235 4.94 -6.85 -14.82
N GLU A 236 4.55 -6.95 -16.08
CA GLU A 236 4.70 -5.81 -16.97
C GLU A 236 3.45 -4.93 -16.93
N ASP A 237 2.27 -5.56 -16.90
CA ASP A 237 1.01 -4.84 -16.95
C ASP A 237 0.31 -4.42 -15.67
N VAL A 238 0.39 -5.24 -14.64
CA VAL A 238 -0.32 -4.87 -13.43
C VAL A 238 0.52 -4.62 -12.18
N ILE A 239 1.57 -5.40 -11.98
CA ILE A 239 2.35 -5.31 -10.76
C ILE A 239 3.50 -4.32 -10.64
N TYR A 240 3.46 -3.56 -9.54
CA TYR A 240 4.49 -2.58 -9.20
C TYR A 240 5.56 -3.27 -8.36
N LYS A 241 6.82 -3.01 -8.69
CA LYS A 241 7.90 -3.56 -7.89
C LYS A 241 8.52 -2.39 -7.12
N VAL A 242 8.99 -2.64 -5.91
CA VAL A 242 9.62 -1.56 -5.16
C VAL A 242 11.13 -1.63 -5.40
N GLU A 243 11.74 -0.48 -5.58
CA GLU A 243 13.16 -0.39 -5.86
C GLU A 243 14.05 -1.09 -4.85
N ASP A 244 15.15 -1.69 -5.36
CA ASP A 244 16.16 -2.36 -4.55
C ASP A 244 15.71 -3.38 -3.49
N GLU A 245 14.61 -4.07 -3.73
CA GLU A 245 14.11 -5.05 -2.77
C GLU A 245 13.37 -6.16 -3.50
N ASP A 246 13.24 -7.31 -2.84
CA ASP A 246 12.46 -8.37 -3.43
C ASP A 246 11.06 -8.17 -2.78
N LEU A 247 10.41 -7.08 -3.18
CA LEU A 247 9.08 -6.73 -2.69
C LEU A 247 8.20 -6.19 -3.83
N TYR A 248 6.98 -6.68 -3.88
CA TYR A 248 6.02 -6.28 -4.89
C TYR A 248 4.70 -5.88 -4.20
N LEU A 249 4.08 -4.79 -4.66
CA LEU A 249 2.82 -4.36 -4.08
C LEU A 249 1.76 -5.32 -4.60
N ILE A 250 0.94 -5.84 -3.71
CA ILE A 250 -0.06 -6.81 -4.12
C ILE A 250 -1.19 -6.16 -4.91
N PRO A 251 -1.67 -6.85 -5.95
CA PRO A 251 -2.75 -6.36 -6.81
C PRO A 251 -4.09 -6.87 -6.31
N THR A 252 -4.06 -7.68 -5.27
CA THR A 252 -5.25 -8.28 -4.68
C THR A 252 -4.78 -9.13 -3.50
N ALA A 253 -5.60 -9.22 -2.45
CA ALA A 253 -5.23 -9.99 -1.27
C ALA A 253 -5.08 -11.45 -1.67
N GLU A 254 -5.69 -11.81 -2.80
CA GLU A 254 -5.61 -13.16 -3.35
C GLU A 254 -4.17 -13.71 -3.33
N HIS A 255 -3.24 -12.95 -3.90
CA HIS A 255 -1.83 -13.36 -3.97
C HIS A 255 -1.16 -13.67 -2.62
N PRO A 256 -1.21 -12.76 -1.63
CA PRO A 256 -0.58 -13.07 -0.34
C PRO A 256 -1.35 -14.20 0.39
N LEU A 257 -2.64 -14.29 0.11
CA LEU A 257 -3.48 -15.34 0.69
C LEU A 257 -3.06 -16.70 0.13
N ALA A 258 -2.62 -16.75 -1.13
CA ALA A 258 -2.18 -18.02 -1.71
C ALA A 258 -0.75 -18.34 -1.27
N GLY A 259 0.12 -17.34 -1.21
CA GLY A 259 1.47 -17.61 -0.78
C GLY A 259 1.51 -18.01 0.68
N MET A 260 0.47 -17.65 1.43
CA MET A 260 0.41 -17.96 2.86
C MET A 260 0.79 -19.40 3.24
N HIS A 261 0.41 -20.37 2.42
CA HIS A 261 0.72 -21.76 2.70
C HIS A 261 1.66 -22.39 1.67
N ALA A 262 2.47 -21.55 1.03
CA ALA A 262 3.43 -22.03 0.03
C ALA A 262 4.36 -23.02 0.74
N ASN A 263 4.69 -24.12 0.05
CA ASN A 263 5.58 -25.17 0.56
C ASN A 263 5.05 -25.84 1.82
N GLU A 264 3.79 -26.26 1.80
CA GLU A 264 3.23 -26.96 2.95
C GLU A 264 2.50 -28.17 2.44
N ILE A 265 2.38 -29.15 3.33
CA ILE A 265 1.62 -30.34 3.03
C ILE A 265 0.55 -30.15 4.08
N LEU A 266 -0.63 -29.77 3.65
CA LEU A 266 -1.70 -29.54 4.59
C LEU A 266 -2.25 -30.86 5.11
N ASP A 267 -2.93 -30.80 6.24
CA ASP A 267 -3.56 -31.96 6.83
C ASP A 267 -4.99 -31.91 6.28
N GLY A 268 -5.37 -32.92 5.52
CA GLY A 268 -6.69 -32.97 4.92
C GLY A 268 -7.87 -32.79 5.86
N LYS A 269 -7.67 -33.06 7.15
CA LYS A 269 -8.78 -32.90 8.07
C LYS A 269 -9.21 -31.45 8.20
N ASP A 270 -8.33 -30.53 7.83
CA ASP A 270 -8.61 -29.09 7.92
C ASP A 270 -9.34 -28.51 6.70
N LEU A 271 -9.01 -29.01 5.51
CA LEU A 271 -9.66 -28.54 4.30
C LEU A 271 -11.18 -28.58 4.50
N PRO A 272 -11.90 -27.59 3.97
CA PRO A 272 -11.35 -26.45 3.21
C PRO A 272 -10.87 -25.33 4.14
N LEU A 273 -9.77 -24.68 3.76
CA LEU A 273 -9.27 -23.56 4.54
C LEU A 273 -9.98 -22.37 3.94
N LEU A 274 -10.75 -21.65 4.75
CA LEU A 274 -11.50 -20.52 4.23
C LEU A 274 -11.00 -19.15 4.72
N TYR A 275 -10.50 -18.35 3.78
CA TYR A 275 -10.02 -17.03 4.14
C TYR A 275 -10.77 -15.89 3.48
N VAL A 276 -10.95 -14.83 4.26
CA VAL A 276 -11.56 -13.63 3.74
C VAL A 276 -10.60 -12.50 4.13
N GLY A 277 -9.85 -12.00 3.15
CA GLY A 277 -8.91 -10.94 3.43
C GLY A 277 -9.42 -9.56 3.04
N VAL A 278 -8.80 -8.54 3.63
CA VAL A 278 -9.09 -7.13 3.35
C VAL A 278 -7.72 -6.57 3.06
N SER A 279 -7.64 -5.69 2.08
CA SER A 279 -6.36 -5.08 1.78
C SER A 279 -6.46 -4.07 0.68
N PRO A 280 -5.54 -3.09 0.66
CA PRO A 280 -5.65 -2.15 -0.44
C PRO A 280 -5.07 -2.96 -1.61
N CYS A 281 -5.28 -2.51 -2.83
CA CYS A 281 -4.77 -3.20 -4.02
C CYS A 281 -4.12 -2.20 -4.93
N PHE A 282 -2.99 -2.58 -5.51
CA PHE A 282 -2.26 -1.69 -6.40
C PHE A 282 -2.04 -2.33 -7.75
N ARG A 283 -2.43 -1.61 -8.80
CA ARG A 283 -2.24 -2.13 -10.14
C ARG A 283 -1.81 -1.00 -11.08
N LYS A 284 -0.89 -1.34 -11.96
CA LYS A 284 -0.35 -0.39 -12.92
C LYS A 284 -1.39 -0.01 -13.98
N GLU A 285 -2.26 -0.95 -14.32
CA GLU A 285 -3.25 -0.73 -15.37
C GLU A 285 -2.49 -0.16 -16.57
N ALA A 286 -1.35 -0.76 -16.89
CA ALA A 286 -0.52 -0.29 -17.99
C ALA A 286 -1.21 -0.32 -19.36
N GLY A 287 -1.85 -1.43 -19.68
CA GLY A 287 -2.54 -1.53 -20.96
C GLY A 287 -3.37 -0.30 -21.29
N THR A 288 -3.87 0.38 -20.27
CA THR A 288 -4.69 1.57 -20.46
C THR A 288 -3.96 2.78 -19.86
N ALA A 289 -4.57 3.97 -19.94
CA ALA A 289 -3.97 5.20 -19.39
C ALA A 289 -5.02 6.30 -19.50
N GLY A 290 -5.97 6.07 -20.40
CA GLY A 290 -7.06 6.99 -20.65
C GLY A 290 -8.09 6.33 -21.55
N LYS A 291 -8.88 5.40 -20.99
CA LYS A 291 -9.91 4.71 -21.78
C LYS A 291 -11.24 5.48 -21.81
N ASP A 292 -11.91 5.63 -20.67
CA ASP A 292 -13.20 6.36 -20.63
C ASP A 292 -13.79 6.80 -19.27
N THR A 293 -14.17 5.87 -18.39
CA THR A 293 -14.72 6.26 -17.07
C THR A 293 -13.59 6.94 -16.31
N LYS A 294 -13.78 8.22 -15.96
CA LYS A 294 -12.73 9.03 -15.31
C LYS A 294 -12.64 9.22 -13.78
N GLY A 295 -13.40 8.44 -13.03
CA GLY A 295 -13.36 8.57 -11.59
C GLY A 295 -12.64 7.47 -10.82
N ILE A 296 -13.40 6.59 -10.18
CA ILE A 296 -12.81 5.52 -9.39
C ILE A 296 -13.18 4.13 -9.87
N PHE A 297 -13.49 4.04 -11.15
CA PHE A 297 -13.85 2.76 -11.73
C PHE A 297 -12.60 1.92 -12.02
N ARG A 298 -11.57 2.56 -12.57
CA ARG A 298 -10.34 1.87 -12.92
C ARG A 298 -9.18 2.77 -12.51
N VAL A 299 -8.66 2.51 -11.32
CA VAL A 299 -7.60 3.31 -10.78
C VAL A 299 -6.40 2.48 -10.33
N HIS A 300 -5.39 3.17 -9.86
CA HIS A 300 -4.19 2.51 -9.41
C HIS A 300 -4.28 1.85 -8.02
N GLN A 301 -5.16 2.40 -7.16
CA GLN A 301 -5.34 1.83 -5.82
C GLN A 301 -6.81 1.77 -5.45
N PHE A 302 -7.19 0.66 -4.84
CA PHE A 302 -8.54 0.43 -4.36
C PHE A 302 -8.55 -0.60 -3.24
N HIS A 303 -9.62 -0.59 -2.48
CA HIS A 303 -9.79 -1.51 -1.37
C HIS A 303 -10.66 -2.68 -1.80
N LYS A 304 -10.29 -3.89 -1.34
CA LYS A 304 -11.06 -5.08 -1.67
C LYS A 304 -11.10 -6.17 -0.60
N VAL A 305 -12.31 -6.61 -0.28
CA VAL A 305 -12.51 -7.69 0.67
C VAL A 305 -12.52 -8.91 -0.25
N GLU A 306 -11.62 -9.86 0.01
CA GLU A 306 -11.46 -11.03 -0.85
C GLU A 306 -11.73 -12.40 -0.23
N GLN A 307 -12.38 -13.27 -0.99
CA GLN A 307 -12.66 -14.65 -0.56
C GLN A 307 -11.58 -15.53 -1.16
N PHE A 308 -10.97 -16.39 -0.35
CA PHE A 308 -9.98 -17.32 -0.89
C PHE A 308 -10.22 -18.67 -0.26
N VAL A 309 -10.14 -19.71 -1.09
CA VAL A 309 -10.41 -21.09 -0.71
C VAL A 309 -9.39 -22.15 -1.12
N TYR A 310 -9.09 -23.03 -0.16
CA TYR A 310 -8.20 -24.16 -0.39
C TYR A 310 -9.13 -25.33 -0.19
N SER A 311 -9.33 -26.16 -1.20
CA SER A 311 -10.20 -27.31 -1.05
C SER A 311 -9.61 -28.59 -1.65
N ARG A 312 -10.33 -29.69 -1.47
CA ARG A 312 -9.92 -30.96 -2.04
C ARG A 312 -10.32 -30.82 -3.50
N PRO A 313 -9.51 -31.36 -4.41
CA PRO A 313 -9.87 -31.26 -5.83
C PRO A 313 -11.32 -31.65 -6.11
N GLU A 314 -11.81 -32.64 -5.35
CA GLU A 314 -13.17 -33.16 -5.49
C GLU A 314 -14.24 -32.23 -4.93
N GLU A 315 -13.83 -31.15 -4.28
CA GLU A 315 -14.77 -30.18 -3.69
C GLU A 315 -14.73 -28.76 -4.32
N SER A 316 -13.72 -28.51 -5.14
CA SER A 316 -13.50 -27.19 -5.72
C SER A 316 -14.63 -26.61 -6.57
N TRP A 317 -15.17 -27.42 -7.47
CA TRP A 317 -16.26 -26.92 -8.30
C TRP A 317 -17.46 -26.56 -7.45
N GLU A 318 -17.66 -27.28 -6.36
CA GLU A 318 -18.80 -26.93 -5.52
C GLU A 318 -18.50 -25.60 -4.81
N TRP A 319 -17.24 -25.42 -4.42
CA TRP A 319 -16.84 -24.19 -3.75
C TRP A 319 -16.96 -23.00 -4.69
N HIS A 320 -16.50 -23.20 -5.92
CA HIS A 320 -16.56 -22.18 -6.94
C HIS A 320 -17.98 -21.65 -6.96
N GLU A 321 -18.90 -22.59 -7.03
CA GLU A 321 -20.29 -22.24 -7.08
C GLU A 321 -20.77 -21.50 -5.83
N LYS A 322 -20.16 -21.77 -4.67
CA LYS A 322 -20.60 -21.09 -3.47
C LYS A 322 -20.05 -19.67 -3.33
N ILE A 323 -18.78 -19.46 -3.68
CA ILE A 323 -18.23 -18.13 -3.54
C ILE A 323 -18.91 -17.11 -4.44
N ILE A 324 -19.23 -17.48 -5.68
CA ILE A 324 -19.92 -16.54 -6.56
C ILE A 324 -21.30 -16.17 -5.96
N ARG A 325 -21.94 -17.13 -5.30
CA ARG A 325 -23.24 -16.88 -4.68
C ARG A 325 -23.03 -16.00 -3.47
N ASN A 326 -21.88 -16.15 -2.83
CA ASN A 326 -21.58 -15.35 -1.66
C ASN A 326 -21.48 -13.89 -2.09
N ALA A 327 -20.86 -13.64 -3.25
CA ALA A 327 -20.75 -12.27 -3.76
C ALA A 327 -22.12 -11.78 -4.23
N GLU A 328 -22.88 -12.66 -4.89
CA GLU A 328 -24.23 -12.29 -5.36
C GLU A 328 -25.11 -11.81 -4.21
N GLU A 329 -25.00 -12.46 -3.05
CA GLU A 329 -25.81 -12.08 -1.90
C GLU A 329 -25.53 -10.68 -1.45
N LEU A 330 -24.25 -10.31 -1.43
CA LEU A 330 -23.89 -8.98 -0.99
C LEU A 330 -24.52 -7.91 -1.86
N PHE A 331 -24.40 -8.07 -3.17
CA PHE A 331 -24.98 -7.08 -4.06
C PHE A 331 -26.49 -7.05 -4.03
N GLN A 332 -27.11 -8.18 -3.71
CA GLN A 332 -28.56 -8.18 -3.59
C GLN A 332 -28.94 -7.36 -2.34
N GLU A 333 -28.22 -7.55 -1.23
CA GLU A 333 -28.54 -6.76 -0.03
C GLU A 333 -28.27 -5.27 -0.31
N LEU A 334 -27.25 -5.00 -1.12
CA LEU A 334 -26.88 -3.65 -1.50
C LEU A 334 -27.89 -3.11 -2.53
N GLU A 335 -28.86 -3.96 -2.88
CA GLU A 335 -29.91 -3.63 -3.83
C GLU A 335 -29.32 -3.16 -5.18
N ILE A 336 -28.39 -3.95 -5.70
CA ILE A 336 -27.77 -3.60 -6.98
C ILE A 336 -28.11 -4.62 -8.05
N PRO A 337 -28.92 -4.23 -9.04
CA PRO A 337 -29.27 -5.17 -10.09
C PRO A 337 -28.01 -5.58 -10.87
N TYR A 338 -27.96 -6.82 -11.31
CA TYR A 338 -26.79 -7.33 -11.99
C TYR A 338 -27.13 -8.56 -12.82
N ARG A 339 -26.11 -9.06 -13.50
CA ARG A 339 -26.25 -10.26 -14.30
C ARG A 339 -24.89 -10.96 -14.09
N VAL A 340 -24.88 -12.28 -13.92
CA VAL A 340 -23.58 -12.91 -13.75
C VAL A 340 -23.26 -13.60 -15.05
N VAL A 341 -21.99 -13.56 -15.41
CA VAL A 341 -21.56 -14.09 -16.67
C VAL A 341 -20.54 -15.23 -16.58
N ASN A 342 -20.60 -16.15 -17.54
CA ASN A 342 -19.62 -17.21 -17.59
C ASN A 342 -18.64 -16.70 -18.63
N ILE A 343 -17.42 -16.46 -18.20
CA ILE A 343 -16.41 -15.94 -19.08
C ILE A 343 -15.91 -16.99 -20.03
N CYS A 344 -15.79 -16.60 -21.30
CA CYS A 344 -15.36 -17.48 -22.36
C CYS A 344 -13.86 -17.73 -22.41
N THR A 345 -13.48 -18.74 -23.19
CA THR A 345 -12.09 -19.15 -23.34
C THR A 345 -11.12 -18.02 -23.66
N GLY A 346 -11.52 -17.16 -24.60
CA GLY A 346 -10.66 -16.05 -25.01
C GLY A 346 -10.53 -14.88 -24.03
N ASP A 347 -11.48 -14.75 -23.12
CA ASP A 347 -11.42 -13.64 -22.17
C ASP A 347 -11.16 -14.19 -20.78
N LEU A 348 -10.74 -15.46 -20.71
CA LEU A 348 -10.54 -16.10 -19.43
C LEU A 348 -9.29 -15.82 -18.60
N GLY A 349 -8.13 -15.72 -19.21
CA GLY A 349 -6.96 -15.47 -18.39
C GLY A 349 -6.29 -16.77 -17.98
N TYR A 350 -4.98 -16.70 -17.76
CA TYR A 350 -4.16 -17.85 -17.42
C TYR A 350 -4.43 -18.68 -16.17
N VAL A 351 -4.76 -18.03 -15.08
CA VAL A 351 -4.93 -18.76 -13.84
C VAL A 351 -6.18 -19.62 -13.68
N ALA A 352 -7.31 -19.12 -14.15
CA ALA A 352 -8.55 -19.86 -13.97
C ALA A 352 -8.87 -20.97 -14.95
N ALA A 353 -9.62 -21.94 -14.46
CA ALA A 353 -10.10 -23.05 -15.29
C ALA A 353 -11.50 -22.61 -15.75
N LYS A 354 -12.20 -21.90 -14.88
CA LYS A 354 -13.54 -21.39 -15.15
C LYS A 354 -13.72 -20.13 -14.30
N LYS A 355 -14.44 -19.14 -14.85
CA LYS A 355 -14.64 -17.90 -14.13
C LYS A 355 -16.02 -17.27 -14.29
N TYR A 356 -16.58 -16.81 -13.17
CA TYR A 356 -17.87 -16.14 -13.19
C TYR A 356 -17.64 -14.69 -12.79
N ASP A 357 -18.30 -13.75 -13.46
CA ASP A 357 -18.19 -12.34 -13.13
C ASP A 357 -19.56 -11.78 -12.78
N ILE A 358 -19.58 -10.83 -11.87
CA ILE A 358 -20.84 -10.17 -11.56
C ILE A 358 -20.71 -8.80 -12.19
N GLU A 359 -21.54 -8.53 -13.21
CA GLU A 359 -21.52 -7.23 -13.88
C GLU A 359 -22.76 -6.50 -13.45
N ALA A 360 -22.58 -5.41 -12.72
CA ALA A 360 -23.70 -4.61 -12.23
C ALA A 360 -24.19 -3.68 -13.28
N TRP A 361 -25.49 -3.44 -13.25
CA TRP A 361 -26.12 -2.54 -14.16
C TRP A 361 -25.71 -1.14 -13.66
N MET A 362 -25.23 -0.29 -14.55
CA MET A 362 -24.81 1.04 -14.15
C MET A 362 -25.72 2.05 -14.85
N PRO A 363 -26.80 2.43 -14.18
CA PRO A 363 -27.75 3.39 -14.75
C PRO A 363 -27.14 4.54 -15.55
N GLY A 364 -26.13 5.21 -15.01
CA GLY A 364 -25.49 6.31 -15.69
C GLY A 364 -24.75 5.93 -16.97
N GLN A 365 -23.97 4.87 -16.90
CA GLN A 365 -23.22 4.41 -18.05
C GLN A 365 -24.13 3.76 -19.09
N GLY A 366 -25.29 3.29 -18.65
CA GLY A 366 -26.18 2.60 -19.55
C GLY A 366 -25.61 1.23 -19.89
N LYS A 367 -24.90 0.61 -18.97
CA LYS A 367 -24.35 -0.73 -19.23
C LYS A 367 -24.01 -1.61 -18.00
N PHE A 368 -23.78 -2.89 -18.24
CA PHE A 368 -23.40 -3.79 -17.16
C PHE A 368 -21.87 -3.73 -17.03
N ARG A 369 -21.35 -3.54 -15.83
CA ARG A 369 -19.89 -3.48 -15.67
C ARG A 369 -19.42 -4.45 -14.60
N GLU A 370 -18.30 -5.13 -14.88
CA GLU A 370 -17.69 -6.07 -13.96
C GLU A 370 -17.55 -5.42 -12.61
N VAL A 371 -17.93 -6.15 -11.58
CA VAL A 371 -17.87 -5.64 -10.24
C VAL A 371 -17.26 -6.70 -9.30
N VAL A 372 -17.22 -7.95 -9.77
CA VAL A 372 -16.60 -9.06 -9.02
C VAL A 372 -16.23 -10.21 -9.94
N SER A 373 -15.22 -10.97 -9.53
CA SER A 373 -14.74 -12.12 -10.27
C SER A 373 -14.54 -13.28 -9.31
N ALA A 374 -15.01 -14.46 -9.72
CA ALA A 374 -14.88 -15.70 -8.93
C ALA A 374 -14.21 -16.75 -9.81
N SER A 375 -13.04 -17.22 -9.41
CA SER A 375 -12.31 -18.20 -10.20
C SER A 375 -12.04 -19.52 -9.48
N ASN A 376 -12.04 -20.59 -10.24
CA ASN A 376 -11.67 -21.86 -9.66
C ASN A 376 -10.29 -22.06 -10.31
N CYS A 377 -9.26 -22.03 -9.50
CA CYS A 377 -7.93 -22.16 -10.06
C CYS A 377 -7.41 -23.57 -10.16
N THR A 378 -8.24 -24.56 -9.79
CA THR A 378 -7.79 -25.94 -9.87
C THR A 378 -6.49 -26.05 -9.09
N ASP A 379 -5.51 -26.75 -9.66
CA ASP A 379 -4.20 -26.92 -9.04
C ASP A 379 -3.12 -26.07 -9.68
N TRP A 380 -3.51 -25.05 -10.44
CA TRP A 380 -2.54 -24.20 -11.15
C TRP A 380 -1.59 -23.43 -10.24
N GLN A 381 -2.13 -22.89 -9.14
CA GLN A 381 -1.31 -22.13 -8.20
C GLN A 381 -0.62 -23.11 -7.27
N ALA A 382 -1.38 -24.11 -6.82
CA ALA A 382 -0.86 -25.13 -5.92
C ALA A 382 0.41 -25.76 -6.49
N ARG A 383 0.40 -26.07 -7.78
CA ARG A 383 1.58 -26.70 -8.37
C ARG A 383 2.77 -25.73 -8.40
N ARG A 384 2.50 -24.43 -8.41
CA ARG A 384 3.58 -23.44 -8.45
C ARG A 384 4.11 -23.15 -7.06
N LEU A 385 3.19 -22.95 -6.12
CA LEU A 385 3.57 -22.65 -4.76
C LEU A 385 3.84 -23.88 -3.90
N ASN A 386 3.75 -25.05 -4.52
CA ASN A 386 3.95 -26.33 -3.83
C ASN A 386 3.02 -26.48 -2.63
N ILE A 387 1.72 -26.41 -2.89
CA ILE A 387 0.75 -26.54 -1.82
C ILE A 387 0.02 -27.84 -1.99
N ARG A 388 0.42 -28.82 -1.19
CA ARG A 388 -0.17 -30.14 -1.23
C ARG A 388 -0.83 -30.45 0.10
N PHE A 389 -1.46 -31.61 0.16
CA PHE A 389 -2.11 -32.08 1.37
C PHE A 389 -2.10 -33.60 1.36
N ARG A 390 -2.21 -34.19 2.56
CA ARG A 390 -2.25 -35.64 2.70
C ARG A 390 -3.35 -35.93 3.71
N ASP A 391 -4.16 -36.94 3.44
CA ASP A 391 -5.26 -37.30 4.33
C ASP A 391 -4.83 -38.25 5.45
N ARG A 392 -3.84 -39.07 5.14
CA ARG A 392 -3.29 -40.04 6.06
C ARG A 392 -1.76 -39.85 6.03
N THR A 393 -1.15 -39.69 7.20
CA THR A 393 0.29 -39.49 7.30
C THR A 393 1.02 -40.57 6.50
N ASP A 394 0.28 -41.59 6.11
CA ASP A 394 0.77 -42.70 5.32
C ASP A 394 1.71 -42.17 4.23
N GLU A 395 1.14 -41.62 3.15
CA GLU A 395 1.94 -41.07 2.06
C GLU A 395 1.15 -40.51 0.87
N LYS A 396 1.91 -40.06 -0.12
CA LYS A 396 1.39 -39.50 -1.36
C LYS A 396 0.64 -38.18 -1.27
N PRO A 397 1.36 -37.09 -0.96
CA PRO A 397 0.66 -35.80 -0.88
C PRO A 397 0.21 -35.35 -2.27
N ARG A 398 -1.01 -34.85 -2.34
CA ARG A 398 -1.58 -34.37 -3.60
C ARG A 398 -1.82 -32.86 -3.54
N TYR A 399 -1.77 -32.22 -4.71
CA TYR A 399 -2.00 -30.77 -4.80
C TYR A 399 -3.43 -30.42 -4.44
N VAL A 400 -3.58 -29.28 -3.78
CA VAL A 400 -4.89 -28.81 -3.36
C VAL A 400 -5.46 -27.99 -4.52
N HIS A 401 -6.70 -27.56 -4.36
CA HIS A 401 -7.29 -26.71 -5.39
C HIS A 401 -7.46 -25.35 -4.72
N THR A 402 -7.23 -24.29 -5.46
CA THR A 402 -7.41 -22.97 -4.89
C THR A 402 -8.49 -22.22 -5.65
N LEU A 403 -9.21 -21.40 -4.92
CA LEU A 403 -10.24 -20.58 -5.51
C LEU A 403 -10.20 -19.18 -4.91
N ASN A 404 -10.71 -18.19 -5.64
CA ASN A 404 -10.77 -16.84 -5.13
C ASN A 404 -11.96 -16.13 -5.75
N SER A 405 -12.44 -15.14 -5.03
CA SER A 405 -13.57 -14.38 -5.52
C SER A 405 -13.70 -13.09 -4.77
N THR A 406 -14.06 -12.07 -5.53
CA THR A 406 -14.28 -10.79 -4.92
C THR A 406 -15.46 -10.94 -3.98
N ALA A 407 -15.40 -10.29 -2.83
CA ALA A 407 -16.56 -10.25 -1.95
C ALA A 407 -17.01 -8.85 -2.36
N ILE A 408 -16.20 -7.85 -2.05
CA ILE A 408 -16.50 -6.48 -2.46
C ILE A 408 -15.25 -5.65 -2.74
N ALA A 409 -15.16 -5.10 -3.93
CA ALA A 409 -14.04 -4.24 -4.24
C ALA A 409 -14.80 -2.91 -4.08
N THR A 410 -14.48 -2.16 -3.03
CA THR A 410 -15.19 -0.90 -2.73
C THR A 410 -15.27 0.10 -3.87
N SER A 411 -14.18 0.27 -4.61
CA SER A 411 -14.14 1.20 -5.74
C SER A 411 -15.42 1.07 -6.59
N ARG A 412 -15.57 -0.08 -7.23
CA ARG A 412 -16.73 -0.30 -8.08
C ARG A 412 -18.05 -0.49 -7.37
N ALA A 413 -18.01 -0.84 -6.08
CA ALA A 413 -19.25 -1.01 -5.35
C ALA A 413 -19.80 0.41 -5.14
N ILE A 414 -18.89 1.33 -4.87
CA ILE A 414 -19.27 2.70 -4.66
C ILE A 414 -19.87 3.28 -5.93
N VAL A 415 -19.29 2.95 -7.10
CA VAL A 415 -19.86 3.49 -8.34
C VAL A 415 -21.25 2.87 -8.50
N ALA A 416 -21.35 1.55 -8.33
CA ALA A 416 -22.65 0.92 -8.49
C ALA A 416 -23.70 1.54 -7.56
N ILE A 417 -23.32 1.84 -6.32
CA ILE A 417 -24.27 2.43 -5.39
C ILE A 417 -24.66 3.84 -5.77
N LEU A 418 -23.69 4.63 -6.22
CA LEU A 418 -23.99 6.02 -6.61
C LEU A 418 -24.89 6.04 -7.85
N GLU A 419 -24.55 5.23 -8.85
CA GLU A 419 -25.34 5.24 -10.05
C GLU A 419 -26.70 4.57 -9.92
N ASN A 420 -26.81 3.55 -9.08
CA ASN A 420 -28.08 2.85 -8.93
C ASN A 420 -29.05 3.41 -7.89
N HIS A 421 -28.55 4.22 -6.96
CA HIS A 421 -29.43 4.77 -5.93
C HIS A 421 -29.51 6.30 -5.96
N GLN A 422 -29.18 6.89 -7.11
CA GLN A 422 -29.25 8.35 -7.24
C GLN A 422 -30.69 8.80 -7.52
N GLU A 423 -30.97 10.05 -7.21
CA GLU A 423 -32.27 10.64 -7.43
C GLU A 423 -31.99 11.77 -8.41
N GLU A 424 -33.03 12.45 -8.91
CA GLU A 424 -32.83 13.51 -9.89
C GLU A 424 -31.90 14.60 -9.45
N ASP A 425 -32.01 14.99 -8.19
CA ASP A 425 -31.20 16.07 -7.65
C ASP A 425 -29.76 15.73 -7.31
N GLY A 426 -29.39 14.44 -7.41
CA GLY A 426 -28.03 14.04 -7.08
C GLY A 426 -27.93 13.30 -5.74
N THR A 427 -28.96 13.45 -4.92
CA THR A 427 -29.01 12.77 -3.66
C THR A 427 -28.88 11.30 -3.91
N VAL A 428 -28.06 10.65 -3.10
CA VAL A 428 -27.85 9.23 -3.26
C VAL A 428 -28.30 8.52 -2.00
N ARG A 429 -29.26 7.61 -2.15
CA ARG A 429 -29.77 6.87 -1.00
C ARG A 429 -28.86 5.69 -0.78
N ILE A 430 -28.55 5.41 0.49
CA ILE A 430 -27.68 4.27 0.73
C ILE A 430 -28.53 3.10 1.23
N PRO A 431 -28.30 1.89 0.68
CA PRO A 431 -29.01 0.65 1.02
C PRO A 431 -29.14 0.45 2.53
N LYS A 432 -30.35 0.12 2.97
CA LYS A 432 -30.64 -0.09 4.40
C LYS A 432 -29.63 -1.00 5.13
N VAL A 433 -29.18 -2.07 4.46
CA VAL A 433 -28.24 -2.98 5.07
C VAL A 433 -26.98 -2.29 5.58
N LEU A 434 -26.59 -1.18 4.97
CA LEU A 434 -25.38 -0.46 5.39
C LEU A 434 -25.59 0.61 6.46
N TRP A 435 -26.85 0.97 6.73
CA TRP A 435 -27.14 2.00 7.73
C TRP A 435 -26.47 1.76 9.09
N LYS A 436 -26.37 0.51 9.52
CA LYS A 436 -25.74 0.22 10.80
C LYS A 436 -24.25 0.55 10.72
N TYR A 437 -23.69 0.52 9.51
CA TYR A 437 -22.27 0.81 9.37
C TYR A 437 -21.94 2.27 9.08
N THR A 438 -22.80 2.94 8.32
CA THR A 438 -22.57 4.34 7.94
C THR A 438 -23.10 5.41 8.88
N GLY A 439 -24.30 5.18 9.41
CA GLY A 439 -24.93 6.15 10.27
C GLY A 439 -25.98 6.83 9.41
N PHE A 440 -25.52 7.62 8.46
CA PHE A 440 -26.41 8.33 7.56
C PHE A 440 -27.15 7.38 6.62
N LYS A 441 -28.33 7.78 6.13
CA LYS A 441 -29.10 6.93 5.23
C LYS A 441 -29.03 7.37 3.77
N GLU A 442 -28.53 8.58 3.55
CA GLU A 442 -28.39 9.09 2.20
C GLU A 442 -27.28 10.12 2.18
N ILE A 443 -26.87 10.51 0.99
CA ILE A 443 -25.85 11.53 0.87
C ILE A 443 -26.44 12.62 -0.01
N VAL A 444 -26.53 13.83 0.54
CA VAL A 444 -27.10 14.93 -0.21
C VAL A 444 -26.06 15.85 -0.82
N PRO A 445 -26.41 16.49 -1.93
CA PRO A 445 -25.48 17.40 -2.60
C PRO A 445 -25.11 18.55 -1.69
N VAL A 446 -23.92 19.09 -1.88
CA VAL A 446 -23.45 20.21 -1.08
C VAL A 446 -23.81 21.47 -1.85
N GLU A 447 -23.83 22.60 -1.16
CA GLU A 447 -24.16 23.87 -1.80
C GLU A 447 -23.55 25.07 -1.09
N MET B 1 12.00 23.80 4.72
CA MET B 1 12.94 24.83 4.18
C MET B 1 12.92 26.11 4.99
N LEU B 2 14.10 26.66 5.25
CA LEU B 2 14.22 27.89 5.98
C LEU B 2 14.21 29.07 5.01
N ASP B 3 13.59 30.17 5.44
CA ASP B 3 13.49 31.42 4.66
C ASP B 3 14.83 32.15 4.63
N ILE B 4 15.33 32.42 3.43
CA ILE B 4 16.60 33.07 3.34
C ILE B 4 16.61 34.47 3.95
N LYS B 5 15.47 35.16 3.94
CA LYS B 5 15.43 36.50 4.56
C LYS B 5 15.77 36.30 6.03
N LEU B 6 15.25 35.22 6.62
CA LEU B 6 15.50 34.89 8.03
C LEU B 6 16.98 34.67 8.31
N ILE B 7 17.70 33.99 7.42
CA ILE B 7 19.12 33.77 7.69
C ILE B 7 19.97 35.02 7.43
N ARG B 8 19.47 35.94 6.59
CA ARG B 8 20.19 37.17 6.30
C ARG B 8 20.06 38.17 7.46
N GLU B 9 18.85 38.37 7.99
CA GLU B 9 18.64 39.33 9.10
C GLU B 9 18.95 38.81 10.49
N ASN B 10 18.90 37.50 10.71
CA ASN B 10 19.15 36.93 12.03
C ASN B 10 19.99 35.66 12.04
N PRO B 11 21.15 35.70 11.37
CA PRO B 11 22.01 34.51 11.34
C PRO B 11 22.36 33.91 12.70
N GLU B 12 22.51 34.74 13.73
CA GLU B 12 22.85 34.18 15.04
C GLU B 12 21.70 33.33 15.54
N LEU B 13 20.48 33.82 15.29
CA LEU B 13 19.30 33.12 15.70
C LEU B 13 19.34 31.70 15.16
N VAL B 14 19.56 31.53 13.86
CA VAL B 14 19.58 30.18 13.32
C VAL B 14 20.80 29.33 13.70
N LYS B 15 21.99 29.91 13.81
CA LYS B 15 23.11 29.07 14.24
C LYS B 15 22.93 28.68 15.71
N ASN B 16 22.33 29.56 16.51
CA ASN B 16 22.07 29.24 17.92
C ASN B 16 21.05 28.11 18.00
N ASP B 17 20.05 28.11 17.11
CA ASP B 17 19.10 27.03 17.15
C ASP B 17 19.78 25.74 16.69
N LEU B 18 20.71 25.86 15.74
CA LEU B 18 21.45 24.69 15.24
C LEU B 18 22.31 24.09 16.36
N ILE B 19 22.89 24.95 17.18
CA ILE B 19 23.72 24.49 18.29
C ILE B 19 22.80 23.90 19.36
N LYS B 20 21.61 24.46 19.56
CA LYS B 20 20.66 23.91 20.55
C LYS B 20 20.43 22.47 20.09
N ARG B 21 20.11 22.33 18.80
CA ARG B 21 19.82 21.03 18.16
C ARG B 21 21.03 20.09 18.12
N GLY B 22 22.21 20.61 18.44
CA GLY B 22 23.39 19.78 18.42
C GLY B 22 23.62 19.38 16.99
N GLU B 23 23.87 20.38 16.17
CA GLU B 23 24.06 20.22 14.75
C GLU B 23 25.26 21.10 14.46
N LEU B 24 26.30 20.93 15.27
CA LEU B 24 27.50 21.73 15.12
C LEU B 24 28.01 21.67 13.69
N GLU B 25 27.78 20.56 13.02
CA GLU B 25 28.23 20.42 11.64
C GLU B 25 27.66 21.53 10.74
N LYS B 26 26.34 21.65 10.69
CA LYS B 26 25.80 22.67 9.81
C LYS B 26 25.73 24.10 10.31
N VAL B 27 26.28 24.39 11.48
CA VAL B 27 26.30 25.77 11.94
C VAL B 27 27.12 26.54 10.90
N LYS B 28 28.05 25.81 10.26
CA LYS B 28 28.92 26.39 9.26
C LYS B 28 28.13 26.88 8.05
N TRP B 29 27.04 26.20 7.72
CA TRP B 29 26.25 26.59 6.56
C TRP B 29 25.70 28.02 6.59
N VAL B 30 25.36 28.53 7.77
CA VAL B 30 24.81 29.86 7.84
C VAL B 30 25.79 30.87 7.21
N ASP B 31 27.04 30.82 7.61
CA ASP B 31 28.01 31.75 7.05
C ASP B 31 28.16 31.50 5.56
N GLU B 32 28.22 30.21 5.21
CA GLU B 32 28.38 29.80 3.83
C GLU B 32 27.29 30.31 2.91
N ILE B 33 26.02 30.08 3.25
CA ILE B 33 24.95 30.57 2.39
C ILE B 33 24.90 32.11 2.40
N LEU B 34 25.30 32.73 3.51
CA LEU B 34 25.32 34.19 3.56
C LEU B 34 26.28 34.72 2.48
N LYS B 35 27.49 34.14 2.41
CA LYS B 35 28.51 34.58 1.46
C LYS B 35 28.11 34.24 0.03
N LEU B 36 27.48 33.08 -0.14
CA LEU B 36 27.01 32.67 -1.45
C LEU B 36 25.86 33.58 -1.90
N ASP B 37 25.00 33.94 -0.94
CA ASP B 37 23.86 34.78 -1.24
C ASP B 37 24.30 36.21 -1.52
N THR B 38 25.48 36.58 -1.02
CA THR B 38 25.97 37.93 -1.26
C THR B 38 26.47 38.04 -2.69
N GLU B 39 27.24 37.03 -3.10
CA GLU B 39 27.77 36.97 -4.44
C GLU B 39 26.57 36.94 -5.40
N TRP B 40 25.62 36.05 -5.09
CA TRP B 40 24.40 35.91 -5.89
C TRP B 40 23.70 37.26 -6.03
N ARG B 41 23.46 37.95 -4.91
CA ARG B 41 22.79 39.24 -4.94
C ARG B 41 23.57 40.29 -5.73
N THR B 42 24.89 40.27 -5.57
CA THR B 42 25.73 41.23 -6.28
C THR B 42 25.77 40.98 -7.79
N LYS B 43 26.10 39.76 -8.20
CA LYS B 43 26.16 39.46 -9.61
C LYS B 43 24.83 39.85 -10.27
N LEU B 44 23.74 39.67 -9.53
CA LEU B 44 22.41 40.01 -10.01
C LEU B 44 22.35 41.51 -10.29
N LYS B 45 22.97 42.28 -9.39
CA LYS B 45 23.05 43.74 -9.51
C LYS B 45 23.81 44.05 -10.81
N GLU B 46 24.97 43.40 -10.97
CA GLU B 46 25.85 43.52 -12.12
C GLU B 46 25.05 43.32 -13.42
N ILE B 47 24.30 42.22 -13.47
CA ILE B 47 23.48 41.88 -14.62
C ILE B 47 22.67 43.08 -15.08
N ASN B 48 21.87 43.67 -14.18
CA ASN B 48 21.07 44.86 -14.56
C ASN B 48 21.96 46.05 -14.95
N ARG B 49 23.05 46.25 -14.22
CA ARG B 49 23.96 47.35 -14.52
C ARG B 49 24.31 47.21 -16.01
N LEU B 50 24.94 46.08 -16.35
CA LEU B 50 25.33 45.78 -17.71
C LEU B 50 24.17 45.88 -18.71
N ARG B 51 23.01 45.33 -18.36
CA ARG B 51 21.88 45.39 -19.27
C ARG B 51 21.55 46.82 -19.63
N HIS B 52 21.38 47.66 -18.62
CA HIS B 52 21.03 49.05 -18.85
C HIS B 52 22.14 49.72 -19.63
N GLU B 53 23.39 49.32 -19.36
CA GLU B 53 24.53 49.90 -20.06
C GLU B 53 24.53 49.50 -21.54
N ARG B 54 24.19 48.25 -21.80
CA ARG B 54 24.15 47.73 -23.15
C ARG B 54 23.20 48.58 -24.01
N ASN B 55 22.08 49.00 -23.44
CA ASN B 55 21.10 49.79 -24.16
C ASN B 55 21.57 51.20 -24.43
N LYS B 56 22.13 51.82 -23.39
CA LYS B 56 22.65 53.18 -23.44
C LYS B 56 23.88 53.24 -24.35
N ILE B 57 24.49 52.08 -24.60
CA ILE B 57 25.68 51.98 -25.44
C ILE B 57 25.30 51.69 -26.89
N ALA B 58 24.09 51.21 -27.10
CA ALA B 58 23.59 50.90 -28.43
C ALA B 58 22.77 52.08 -28.95
N VAL B 59 22.45 53.01 -28.06
CA VAL B 59 21.68 54.19 -28.43
C VAL B 59 22.66 55.28 -28.86
N GLU B 60 23.89 55.17 -28.36
CA GLU B 60 24.93 56.13 -28.69
C GLU B 60 25.79 55.64 -29.85
N ILE B 61 25.59 54.39 -30.23
CA ILE B 61 26.33 53.82 -31.35
C ILE B 61 25.55 54.19 -32.62
N GLY B 62 24.24 54.37 -32.44
CA GLY B 62 23.39 54.74 -33.56
C GLY B 62 23.39 56.25 -33.71
N LYS B 63 23.62 56.94 -32.60
CA LYS B 63 23.67 58.40 -32.61
C LYS B 63 24.91 58.81 -33.40
N ARG B 64 25.81 57.85 -33.61
CA ARG B 64 27.03 58.09 -34.38
C ARG B 64 26.77 57.74 -35.84
N ARG B 65 25.62 57.13 -36.10
CA ARG B 65 25.22 56.76 -37.45
C ARG B 65 24.96 58.05 -38.22
N LYS B 66 24.60 59.09 -37.47
CA LYS B 66 24.33 60.41 -38.04
C LYS B 66 25.60 61.26 -37.94
N LYS B 67 26.62 60.74 -37.26
CA LYS B 67 27.89 61.44 -37.08
C LYS B 67 29.06 60.66 -37.68
N GLY B 68 30.25 60.90 -37.15
CA GLY B 68 31.46 60.22 -37.63
C GLY B 68 31.39 58.72 -37.55
N GLU B 69 30.68 58.21 -36.56
CA GLU B 69 30.48 56.78 -36.34
C GLU B 69 31.74 55.91 -36.18
N PRO B 70 32.76 56.39 -35.44
CA PRO B 70 33.94 55.53 -35.31
C PRO B 70 33.61 54.42 -34.28
N VAL B 71 32.37 53.96 -34.34
CA VAL B 71 31.80 52.95 -33.45
C VAL B 71 32.53 51.62 -33.26
N ASP B 72 33.67 51.44 -33.91
CA ASP B 72 34.41 50.19 -33.76
C ASP B 72 34.74 49.85 -32.32
N GLU B 73 35.18 50.86 -31.55
CA GLU B 73 35.51 50.66 -30.15
C GLU B 73 34.26 50.28 -29.37
N LEU B 74 33.18 50.98 -29.68
CA LEU B 74 31.89 50.77 -29.05
C LEU B 74 31.36 49.35 -29.35
N LEU B 75 31.30 49.01 -30.63
CA LEU B 75 30.83 47.70 -31.07
C LEU B 75 31.54 46.60 -30.28
N ALA B 76 32.77 46.89 -29.89
CA ALA B 76 33.56 45.92 -29.14
C ALA B 76 33.14 45.78 -27.69
N LYS B 77 32.75 46.90 -27.06
CA LYS B 77 32.32 46.89 -25.67
C LYS B 77 30.94 46.24 -25.52
N SER B 78 30.08 46.51 -26.51
CA SER B 78 28.73 45.97 -26.56
C SER B 78 28.79 44.45 -26.61
N ARG B 79 29.89 43.93 -27.15
CA ARG B 79 30.07 42.49 -27.26
C ARG B 79 30.67 41.97 -25.95
N GLU B 80 31.45 42.80 -25.26
CA GLU B 80 32.05 42.40 -23.99
C GLU B 80 30.94 42.37 -22.96
N ILE B 81 29.99 43.29 -23.12
CA ILE B 81 28.86 43.38 -22.24
C ILE B 81 28.01 42.11 -22.27
N VAL B 82 27.55 41.70 -23.46
CA VAL B 82 26.73 40.48 -23.54
C VAL B 82 27.48 39.24 -23.09
N LYS B 83 28.75 39.14 -23.43
CA LYS B 83 29.53 37.99 -23.01
C LYS B 83 29.59 37.99 -21.49
N ARG B 84 29.66 39.18 -20.91
CA ARG B 84 29.73 39.29 -19.46
C ARG B 84 28.39 38.87 -18.81
N ILE B 85 27.31 39.44 -19.31
CA ILE B 85 25.96 39.15 -18.85
C ILE B 85 25.74 37.64 -18.88
N GLY B 86 26.20 37.02 -19.96
CA GLY B 86 26.03 35.59 -20.13
C GLY B 86 26.70 34.75 -19.06
N GLU B 87 27.98 35.00 -18.78
CA GLU B 87 28.66 34.22 -17.76
C GLU B 87 28.15 34.53 -16.37
N LEU B 88 27.74 35.77 -16.16
CA LEU B 88 27.22 36.14 -14.85
C LEU B 88 25.97 35.31 -14.61
N GLU B 89 25.05 35.34 -15.58
CA GLU B 89 23.81 34.58 -15.49
C GLU B 89 24.03 33.14 -15.07
N ASN B 90 25.02 32.49 -15.67
CA ASN B 90 25.30 31.11 -15.30
C ASN B 90 25.85 31.02 -13.89
N GLU B 91 26.71 31.97 -13.52
CA GLU B 91 27.29 31.98 -12.20
C GLU B 91 26.15 32.06 -11.19
N VAL B 92 25.17 32.90 -11.50
CA VAL B 92 24.01 33.09 -10.65
C VAL B 92 23.25 31.76 -10.43
N GLU B 93 22.88 31.09 -11.52
CA GLU B 93 22.15 29.84 -11.39
C GLU B 93 22.90 28.80 -10.58
N GLU B 94 24.21 28.78 -10.75
CA GLU B 94 25.03 27.86 -10.00
C GLU B 94 24.97 28.25 -8.52
N LEU B 95 25.01 29.55 -8.26
CA LEU B 95 24.94 30.07 -6.89
C LEU B 95 23.62 29.70 -6.22
N LYS B 96 22.51 29.92 -6.93
CA LYS B 96 21.17 29.59 -6.42
C LYS B 96 21.06 28.12 -6.09
N LYS B 97 21.73 27.28 -6.85
CA LYS B 97 21.65 25.85 -6.59
C LYS B 97 22.39 25.49 -5.33
N LYS B 98 23.55 26.10 -5.10
CA LYS B 98 24.31 25.79 -3.91
C LYS B 98 23.59 26.27 -2.65
N ILE B 99 23.01 27.47 -2.68
CA ILE B 99 22.34 27.94 -1.48
C ILE B 99 21.09 27.10 -1.19
N ASP B 100 20.34 26.78 -2.25
CA ASP B 100 19.11 25.98 -2.07
C ASP B 100 19.42 24.63 -1.50
N TYR B 101 20.54 24.08 -1.90
CA TYR B 101 20.98 22.78 -1.42
C TYR B 101 20.95 22.80 0.10
N TYR B 102 21.46 23.89 0.65
CA TYR B 102 21.53 24.07 2.11
C TYR B 102 20.18 24.44 2.69
N LEU B 103 19.54 25.43 2.08
CA LEU B 103 18.25 25.88 2.56
C LEU B 103 17.31 24.70 2.76
N TRP B 104 17.41 23.71 1.87
CA TRP B 104 16.55 22.54 1.93
C TRP B 104 17.00 21.44 2.85
N ARG B 105 18.20 21.56 3.41
CA ARG B 105 18.67 20.52 4.31
C ARG B 105 18.77 21.01 5.77
N LEU B 106 18.27 22.21 6.00
CA LEU B 106 18.30 22.86 7.32
C LEU B 106 17.04 22.63 8.16
N PRO B 107 17.20 22.16 9.40
CA PRO B 107 16.06 21.91 10.30
C PRO B 107 15.24 23.15 10.65
N ASN B 108 13.98 22.92 11.04
CA ASN B 108 13.07 24.00 11.42
C ASN B 108 13.55 24.68 12.73
N ILE B 109 13.28 25.98 12.89
CA ILE B 109 13.69 26.65 14.13
C ILE B 109 12.72 26.22 15.22
N THR B 110 13.28 25.71 16.31
CA THR B 110 12.54 25.21 17.46
C THR B 110 11.97 26.35 18.29
N HIS B 111 10.84 26.07 18.93
CA HIS B 111 10.19 27.03 19.79
C HIS B 111 10.95 27.01 21.10
N PRO B 112 11.26 28.20 21.66
CA PRO B 112 12.00 28.30 22.91
C PRO B 112 11.64 27.28 23.97
N SER B 113 10.37 26.87 24.03
CA SER B 113 9.91 25.87 25.01
C SER B 113 10.39 24.42 24.73
N VAL B 114 11.06 24.18 23.61
CA VAL B 114 11.54 22.82 23.37
C VAL B 114 12.79 22.60 24.18
N PRO B 115 12.77 21.62 25.11
CA PRO B 115 13.98 21.39 25.92
C PRO B 115 15.19 20.90 25.13
N VAL B 116 16.37 21.37 25.55
CA VAL B 116 17.63 20.96 24.94
C VAL B 116 17.89 19.56 25.46
N GLY B 117 18.40 18.66 24.63
CA GLY B 117 18.65 17.30 25.08
C GLY B 117 19.31 16.57 23.93
N LYS B 118 19.90 15.41 24.19
CA LYS B 118 20.59 14.68 23.14
C LYS B 118 19.83 13.53 22.47
N ASP B 119 18.98 12.85 23.21
CA ASP B 119 18.23 11.73 22.64
C ASP B 119 16.94 11.53 23.42
N GLU B 120 16.28 10.39 23.21
CA GLU B 120 15.04 10.08 23.92
C GLU B 120 15.11 10.30 25.42
N ASN B 121 16.21 9.93 26.05
CA ASN B 121 16.32 10.09 27.50
C ASN B 121 16.12 11.50 28.01
N ASP B 122 16.48 12.50 27.20
CA ASP B 122 16.33 13.87 27.65
C ASP B 122 14.95 14.46 27.35
N ASN B 123 14.03 13.62 26.89
CA ASN B 123 12.68 14.07 26.61
C ASN B 123 12.00 14.26 27.95
N VAL B 124 11.21 15.32 28.05
CA VAL B 124 10.57 15.68 29.28
C VAL B 124 9.07 15.37 29.52
N PRO B 125 8.76 14.53 30.53
CA PRO B 125 7.36 14.21 30.82
C PRO B 125 6.66 15.42 31.43
N ILE B 126 5.52 15.81 30.87
CA ILE B 126 4.80 16.98 31.32
C ILE B 126 3.39 16.67 31.77
N ARG B 127 3.00 15.41 31.75
CA ARG B 127 1.62 15.09 32.09
C ARG B 127 1.46 13.56 32.13
N PHE B 128 0.62 13.07 33.03
CA PHE B 128 0.43 11.62 33.10
C PHE B 128 -1.04 11.42 33.22
N TRP B 129 -1.52 10.21 32.95
CA TRP B 129 -2.94 9.91 33.03
C TRP B 129 -3.18 8.43 33.19
N GLY B 130 -4.21 8.10 33.97
CA GLY B 130 -4.57 6.70 34.16
C GLY B 130 -3.88 5.98 35.31
N LYS B 131 -4.37 4.77 35.57
CA LYS B 131 -3.82 3.92 36.62
C LYS B 131 -3.13 2.71 35.99
N ALA B 132 -1.80 2.69 36.08
CA ALA B 132 -0.98 1.61 35.49
C ALA B 132 -0.98 0.32 36.30
N ARG B 133 -0.88 -0.80 35.61
CA ARG B 133 -0.83 -2.07 36.27
C ARG B 133 0.64 -2.39 36.08
N VAL B 134 1.38 -2.44 37.17
CA VAL B 134 2.81 -2.70 37.10
C VAL B 134 3.25 -4.02 37.72
N TRP B 135 3.97 -4.81 36.96
CA TRP B 135 4.51 -6.07 37.49
C TRP B 135 5.51 -5.67 38.57
N LYS B 136 5.56 -6.43 39.67
CA LYS B 136 6.52 -6.14 40.75
C LYS B 136 7.98 -6.02 40.24
N GLY B 137 8.36 -6.88 39.29
CA GLY B 137 9.71 -6.85 38.76
C GLY B 137 10.04 -5.65 37.88
N HIS B 138 9.06 -4.78 37.67
CA HIS B 138 9.20 -3.60 36.84
C HIS B 138 9.04 -2.32 37.65
N LEU B 139 8.79 -2.48 38.95
CA LEU B 139 8.56 -1.35 39.86
C LEU B 139 9.51 -0.18 39.74
N GLU B 140 10.81 -0.46 39.65
CA GLU B 140 11.78 0.62 39.59
C GLU B 140 11.70 1.49 38.34
N ARG B 141 11.68 0.84 37.19
CA ARG B 141 11.62 1.55 35.92
C ARG B 141 10.28 2.27 35.81
N PHE B 142 9.22 1.67 36.36
CA PHE B 142 7.93 2.31 36.30
C PHE B 142 7.90 3.60 37.11
N LEU B 143 8.52 3.60 38.29
CA LEU B 143 8.54 4.81 39.12
C LEU B 143 9.50 5.81 38.50
N GLU B 144 10.56 5.28 37.91
CA GLU B 144 11.59 6.08 37.26
C GLU B 144 10.90 6.90 36.16
N GLN B 145 10.30 6.20 35.20
CA GLN B 145 9.61 6.85 34.09
C GLN B 145 8.28 7.56 34.44
N SER B 146 7.68 7.24 35.58
CA SER B 146 6.42 7.88 35.99
C SER B 146 6.67 9.05 36.93
N GLN B 147 7.91 9.17 37.39
CA GLN B 147 8.27 10.23 38.31
C GLN B 147 7.53 10.05 39.63
N GLY B 148 6.79 8.95 39.75
CA GLY B 148 6.02 8.70 40.94
C GLY B 148 4.86 9.68 41.05
N LYS B 149 4.41 10.22 39.92
CA LYS B 149 3.31 11.17 39.88
C LYS B 149 2.06 10.48 39.32
N MET B 150 2.16 9.18 39.12
CA MET B 150 1.08 8.40 38.50
C MET B 150 0.51 7.30 39.37
N GLU B 151 -0.82 7.27 39.44
CA GLU B 151 -1.52 6.25 40.22
C GLU B 151 -1.15 4.87 39.68
N TYR B 152 -1.02 3.88 40.54
CA TYR B 152 -0.69 2.54 40.05
C TYR B 152 -1.09 1.39 40.96
N GLU B 153 -0.72 0.18 40.55
CA GLU B 153 -1.11 -1.03 41.26
C GLU B 153 -0.17 -2.18 40.87
N ILE B 154 0.35 -2.88 41.86
CA ILE B 154 1.31 -3.96 41.63
C ILE B 154 0.70 -5.31 41.36
N LEU B 155 1.12 -5.92 40.24
CA LEU B 155 0.63 -7.23 39.85
C LEU B 155 1.64 -8.28 40.29
N GLU B 156 1.15 -9.36 40.90
CA GLU B 156 2.04 -10.42 41.35
C GLU B 156 2.37 -11.40 40.24
N TRP B 157 1.54 -11.42 39.18
CA TRP B 157 1.81 -12.28 38.03
C TRP B 157 2.49 -11.44 36.94
N LYS B 158 3.30 -12.07 36.10
CA LYS B 158 3.99 -11.30 35.06
C LYS B 158 3.10 -11.11 33.83
N PRO B 159 2.65 -9.86 33.60
CA PRO B 159 1.79 -9.62 32.42
C PRO B 159 2.63 -9.92 31.17
N LYS B 160 2.00 -10.48 30.16
CA LYS B 160 2.69 -10.87 28.93
C LYS B 160 2.96 -9.79 27.87
N LEU B 161 3.82 -10.13 26.91
CA LEU B 161 4.14 -9.21 25.82
C LEU B 161 3.07 -9.40 24.74
N HIS B 162 2.73 -8.31 24.06
CA HIS B 162 1.68 -8.36 23.04
C HIS B 162 1.90 -9.49 22.01
N VAL B 163 3.14 -9.77 21.70
CA VAL B 163 3.45 -10.81 20.72
C VAL B 163 2.91 -12.17 21.19
N ASP B 164 3.07 -12.47 22.48
CA ASP B 164 2.60 -13.75 23.01
C ASP B 164 1.09 -13.76 23.09
N LEU B 165 0.50 -12.62 23.44
CA LEU B 165 -0.93 -12.55 23.53
C LEU B 165 -1.50 -12.81 22.14
N LEU B 166 -0.91 -12.18 21.12
CA LEU B 166 -1.37 -12.40 19.74
C LEU B 166 -1.38 -13.88 19.42
N GLU B 167 -0.40 -14.63 19.94
CA GLU B 167 -0.31 -16.06 19.70
C GLU B 167 -1.44 -16.80 20.41
N ILE B 168 -1.57 -16.59 21.71
CA ILE B 168 -2.61 -17.30 22.45
C ILE B 168 -4.02 -16.97 21.94
N LEU B 169 -4.23 -15.72 21.52
CA LEU B 169 -5.53 -15.31 21.00
C LEU B 169 -5.80 -15.76 19.58
N GLY B 170 -4.77 -16.20 18.87
CA GLY B 170 -4.95 -16.61 17.48
C GLY B 170 -5.21 -15.42 16.56
N GLY B 171 -4.58 -14.27 16.86
CA GLY B 171 -4.81 -13.08 16.06
C GLY B 171 -3.71 -12.68 15.09
N ALA B 172 -2.70 -13.52 14.92
CA ALA B 172 -1.60 -13.20 14.00
C ALA B 172 -0.79 -14.42 13.60
N ASP B 173 -0.09 -14.32 12.47
CA ASP B 173 0.78 -15.38 12.00
C ASP B 173 2.02 -14.65 11.47
N PHE B 174 3.14 -14.78 12.17
CA PHE B 174 4.36 -14.12 11.76
C PHE B 174 5.24 -14.96 10.86
N ALA B 175 5.36 -16.24 11.18
CA ALA B 175 6.20 -17.14 10.40
C ALA B 175 5.80 -17.13 8.93
N ARG B 176 4.52 -17.36 8.65
CA ARG B 176 4.13 -17.34 7.26
C ARG B 176 4.36 -15.98 6.56
N ALA B 177 4.26 -14.90 7.31
CA ALA B 177 4.49 -13.59 6.74
C ALA B 177 5.96 -13.44 6.34
N ALA B 178 6.84 -14.01 7.16
CA ALA B 178 8.27 -13.95 6.89
C ALA B 178 8.57 -14.75 5.65
N LYS B 179 7.82 -15.82 5.46
CA LYS B 179 8.03 -16.67 4.31
C LYS B 179 7.74 -15.92 3.03
N VAL B 180 6.56 -15.33 3.00
CA VAL B 180 6.04 -14.63 1.85
C VAL B 180 6.55 -13.21 1.59
N SER B 181 7.00 -12.51 2.63
CA SER B 181 7.43 -11.11 2.45
C SER B 181 8.76 -10.74 3.09
N GLY B 182 9.11 -11.41 4.17
CA GLY B 182 10.34 -11.08 4.83
C GLY B 182 9.99 -10.72 6.25
N SER B 183 10.99 -10.37 7.05
CA SER B 183 10.70 -10.06 8.43
C SER B 183 9.98 -8.73 8.61
N ARG B 184 9.44 -8.56 9.81
CA ARG B 184 8.70 -7.39 10.20
C ARG B 184 7.48 -7.10 9.31
N PHE B 185 6.85 -8.18 8.86
CA PHE B 185 5.61 -8.17 8.08
C PHE B 185 4.77 -9.19 8.86
N TYR B 186 3.48 -9.23 8.61
CA TYR B 186 2.64 -10.15 9.35
C TYR B 186 1.30 -10.38 8.71
N TYR B 187 0.56 -11.35 9.24
CA TYR B 187 -0.81 -11.59 8.81
C TYR B 187 -1.56 -11.38 10.11
N LEU B 188 -2.60 -10.56 10.08
CA LEU B 188 -3.42 -10.32 11.25
C LEU B 188 -4.66 -11.22 11.06
N LEU B 189 -5.15 -11.81 12.15
CA LEU B 189 -6.29 -12.71 12.04
C LEU B 189 -7.42 -12.55 13.05
N ASN B 190 -8.56 -13.11 12.66
CA ASN B 190 -9.74 -13.13 13.49
C ASN B 190 -10.06 -11.81 14.17
N GLU B 191 -10.35 -11.84 15.47
CA GLU B 191 -10.74 -10.62 16.16
C GLU B 191 -9.76 -9.48 16.08
N ILE B 192 -8.48 -9.78 15.93
CA ILE B 192 -7.49 -8.71 15.83
C ILE B 192 -7.78 -7.89 14.56
N VAL B 193 -8.25 -8.56 13.50
CA VAL B 193 -8.59 -7.88 12.26
C VAL B 193 -9.73 -6.86 12.49
N ILE B 194 -10.78 -7.33 13.18
CA ILE B 194 -11.92 -6.51 13.50
C ILE B 194 -11.51 -5.37 14.42
N LEU B 195 -10.70 -5.67 15.43
CA LEU B 195 -10.25 -4.64 16.36
C LEU B 195 -9.51 -3.54 15.59
N ASP B 196 -8.67 -3.95 14.65
CA ASP B 196 -7.92 -3.01 13.83
C ASP B 196 -8.87 -2.05 13.09
N LEU B 197 -9.82 -2.58 12.33
CA LEU B 197 -10.76 -1.71 11.63
C LEU B 197 -11.60 -0.88 12.61
N ALA B 198 -12.01 -1.47 13.73
CA ALA B 198 -12.80 -0.78 14.73
C ALA B 198 -12.06 0.45 15.28
N LEU B 199 -10.75 0.34 15.42
CA LEU B 199 -9.95 1.47 15.91
C LEU B 199 -9.95 2.59 14.84
N ILE B 200 -9.83 2.23 13.58
CA ILE B 200 -9.86 3.24 12.54
C ILE B 200 -11.21 3.97 12.58
N ARG B 201 -12.32 3.22 12.64
CA ARG B 201 -13.64 3.87 12.65
C ARG B 201 -13.86 4.71 13.90
N PHE B 202 -13.37 4.22 15.03
CA PHE B 202 -13.50 4.96 16.27
C PHE B 202 -12.77 6.31 16.13
N ALA B 203 -11.52 6.29 15.68
CA ALA B 203 -10.75 7.53 15.52
C ALA B 203 -11.40 8.50 14.52
N LEU B 204 -11.86 7.98 13.40
CA LEU B 204 -12.55 8.81 12.41
C LEU B 204 -13.80 9.46 12.99
N ASP B 205 -14.71 8.67 13.59
CA ASP B 205 -15.93 9.26 14.14
C ASP B 205 -15.58 10.39 15.12
N ARG B 206 -14.58 10.17 15.95
CA ARG B 206 -14.26 11.22 16.89
C ARG B 206 -13.74 12.47 16.22
N LEU B 207 -12.82 12.33 15.26
CA LEU B 207 -12.33 13.54 14.62
C LEU B 207 -13.41 14.21 13.75
N ILE B 208 -14.29 13.42 13.16
CA ILE B 208 -15.39 13.99 12.36
C ILE B 208 -16.31 14.85 13.26
N GLU B 209 -16.62 14.35 14.46
CA GLU B 209 -17.44 15.07 15.42
C GLU B 209 -16.76 16.41 15.71
N LYS B 210 -15.42 16.42 15.78
CA LYS B 210 -14.72 17.68 16.04
C LYS B 210 -14.56 18.56 14.81
N GLY B 211 -15.23 18.17 13.72
CA GLY B 211 -15.19 18.97 12.50
C GLY B 211 -14.10 18.75 11.48
N PHE B 212 -13.46 17.59 11.53
CA PHE B 212 -12.42 17.28 10.59
C PHE B 212 -13.04 16.59 9.36
N THR B 213 -12.54 16.95 8.18
CA THR B 213 -13.00 16.36 6.92
C THR B 213 -12.28 15.02 6.77
N PRO B 214 -13.03 13.92 6.66
CA PRO B 214 -12.37 12.61 6.51
C PRO B 214 -11.86 12.39 5.08
N VAL B 215 -10.64 11.86 4.97
CA VAL B 215 -10.05 11.64 3.66
C VAL B 215 -9.23 10.37 3.53
N ILE B 216 -9.31 9.77 2.35
CA ILE B 216 -8.53 8.58 2.00
C ILE B 216 -7.68 9.12 0.85
N PRO B 217 -6.38 9.30 1.10
CA PRO B 217 -5.43 9.83 0.13
C PRO B 217 -4.79 8.82 -0.77
N PRO B 218 -3.93 9.30 -1.66
CA PRO B 218 -3.24 8.36 -2.54
C PRO B 218 -2.20 7.75 -1.60
N TYR B 219 -1.90 6.46 -1.78
CA TYR B 219 -0.93 5.80 -0.93
C TYR B 219 0.46 5.87 -1.54
N MET B 220 0.53 6.33 -2.79
CA MET B 220 1.79 6.51 -3.54
C MET B 220 1.84 7.96 -4.03
N VAL B 221 2.94 8.65 -3.78
CA VAL B 221 3.04 10.04 -4.22
C VAL B 221 4.33 10.32 -4.99
N ARG B 222 4.35 11.44 -5.73
CA ARG B 222 5.53 11.84 -6.47
C ARG B 222 6.63 12.28 -5.49
N ARG B 223 7.87 12.26 -5.97
CA ARG B 223 8.96 12.65 -5.12
C ARG B 223 8.78 14.05 -4.50
N PHE B 224 8.29 15.02 -5.27
CA PHE B 224 8.17 16.34 -4.70
C PHE B 224 7.33 16.41 -3.41
N VAL B 225 6.25 15.62 -3.30
CA VAL B 225 5.50 15.74 -2.05
C VAL B 225 6.29 15.18 -0.88
N GLU B 226 7.05 14.13 -1.11
CA GLU B 226 7.87 13.61 -0.02
C GLU B 226 8.93 14.63 0.40
N GLU B 227 9.60 15.23 -0.59
CA GLU B 227 10.64 16.22 -0.32
C GLU B 227 10.06 17.46 0.37
N GLY B 228 8.76 17.65 0.17
CA GLY B 228 8.07 18.77 0.78
C GLY B 228 7.64 18.51 2.24
N SER B 229 7.43 17.24 2.60
CA SER B 229 6.99 16.86 3.94
C SER B 229 8.09 16.50 4.97
N THR B 230 9.26 16.00 4.55
CA THR B 230 10.32 15.67 5.51
C THR B 230 11.69 16.01 5.00
N SER B 231 12.67 15.60 5.80
CA SER B 231 14.08 15.80 5.50
C SER B 231 14.48 14.74 4.48
N PHE B 232 15.44 15.06 3.63
CA PHE B 232 15.90 14.12 2.60
C PHE B 232 16.43 12.83 3.18
N GLU B 233 16.92 12.91 4.41
CA GLU B 233 17.43 11.76 5.12
C GLU B 233 16.42 10.59 5.01
N ASP B 234 15.13 10.91 5.12
CA ASP B 234 14.06 9.91 5.08
C ASP B 234 14.01 9.00 3.82
N PHE B 235 14.56 9.47 2.71
CA PHE B 235 14.57 8.65 1.49
C PHE B 235 15.43 7.39 1.64
N GLU B 236 16.45 7.50 2.48
CA GLU B 236 17.37 6.41 2.73
C GLU B 236 16.82 5.53 3.83
N ASP B 237 16.41 6.14 4.92
CA ASP B 237 15.94 5.40 6.07
C ASP B 237 14.50 4.94 6.13
N VAL B 238 13.56 5.68 5.54
CA VAL B 238 12.17 5.28 5.68
C VAL B 238 11.30 5.01 4.46
N ILE B 239 11.39 5.85 3.44
CA ILE B 239 10.54 5.77 2.28
C ILE B 239 10.88 4.79 1.14
N TYR B 240 9.93 3.92 0.82
CA TYR B 240 10.10 2.95 -0.28
C TYR B 240 9.78 3.63 -1.60
N LYS B 241 10.64 3.47 -2.59
CA LYS B 241 10.37 4.05 -3.91
C LYS B 241 9.92 2.94 -4.85
N VAL B 242 9.02 3.24 -5.78
CA VAL B 242 8.58 2.22 -6.74
C VAL B 242 9.49 2.30 -7.97
N GLU B 243 9.87 1.13 -8.49
CA GLU B 243 10.76 1.03 -9.66
C GLU B 243 10.22 1.72 -10.94
N ASP B 244 11.12 2.37 -11.65
CA ASP B 244 10.79 3.05 -12.92
C ASP B 244 9.60 3.96 -12.80
N GLU B 245 9.47 4.66 -11.67
CA GLU B 245 8.32 5.54 -11.47
C GLU B 245 8.59 6.66 -10.49
N ASP B 246 8.00 7.81 -10.74
CA ASP B 246 8.12 8.92 -9.81
C ASP B 246 6.92 8.71 -8.84
N LEU B 247 6.98 7.61 -8.09
CA LEU B 247 6.00 7.26 -7.08
C LEU B 247 6.74 6.73 -5.85
N TYR B 248 6.24 7.08 -4.66
CA TYR B 248 6.80 6.65 -3.40
C TYR B 248 5.67 6.23 -2.48
N LEU B 249 5.90 5.16 -1.73
CA LEU B 249 4.92 4.62 -0.80
C LEU B 249 4.85 5.55 0.38
N ILE B 250 3.64 5.95 0.76
CA ILE B 250 3.57 6.91 1.86
C ILE B 250 3.81 6.29 3.23
N PRO B 251 4.59 6.98 4.07
CA PRO B 251 4.91 6.49 5.42
C PRO B 251 3.87 6.96 6.45
N THR B 252 2.96 7.82 6.01
CA THR B 252 1.91 8.37 6.86
C THR B 252 1.01 9.26 6.00
N ALA B 253 -0.29 9.31 6.32
CA ALA B 253 -1.23 10.16 5.59
C ALA B 253 -0.83 11.64 5.65
N GLU B 254 0.02 11.99 6.60
CA GLU B 254 0.50 13.36 6.72
C GLU B 254 1.10 13.89 5.39
N HIS B 255 1.90 13.07 4.70
CA HIS B 255 2.52 13.51 3.44
C HIS B 255 1.52 13.86 2.31
N PRO B 256 0.65 12.92 1.89
CA PRO B 256 -0.28 13.33 0.83
C PRO B 256 -1.19 14.46 1.30
N LEU B 257 -1.46 14.49 2.60
CA LEU B 257 -2.32 15.52 3.16
C LEU B 257 -1.67 16.90 3.03
N ALA B 258 -0.36 16.96 3.14
CA ALA B 258 0.38 18.22 3.00
C ALA B 258 0.52 18.53 1.51
N GLY B 259 0.75 17.49 0.71
CA GLY B 259 0.89 17.68 -0.71
C GLY B 259 -0.40 18.17 -1.35
N MET B 260 -1.53 17.82 -0.73
CA MET B 260 -2.85 18.17 -1.24
C MET B 260 -3.02 19.62 -1.72
N HIS B 261 -2.51 20.59 -0.97
CA HIS B 261 -2.65 21.98 -1.34
C HIS B 261 -1.36 22.66 -1.80
N ALA B 262 -0.41 21.85 -2.28
CA ALA B 262 0.85 22.36 -2.79
C ALA B 262 0.54 23.41 -3.87
N ASN B 263 1.34 24.47 -3.92
CA ASN B 263 1.14 25.51 -4.90
C ASN B 263 -0.25 26.12 -4.93
N GLU B 264 -0.72 26.57 -3.79
CA GLU B 264 -2.02 27.23 -3.78
C GLU B 264 -1.94 28.47 -2.87
N ILE B 265 -2.84 29.41 -3.12
CA ILE B 265 -2.95 30.59 -2.29
C ILE B 265 -4.33 30.29 -1.74
N LEU B 266 -4.42 29.84 -0.50
CA LEU B 266 -5.72 29.53 0.06
C LEU B 266 -6.43 30.83 0.38
N ASP B 267 -7.74 30.75 0.56
CA ASP B 267 -8.52 31.91 0.95
C ASP B 267 -8.52 31.83 2.48
N GLY B 268 -7.93 32.84 3.12
CA GLY B 268 -7.85 32.88 4.57
C GLY B 268 -9.16 32.57 5.28
N LYS B 269 -10.25 32.98 4.66
CA LYS B 269 -11.58 32.77 5.19
C LYS B 269 -11.81 31.29 5.42
N ASP B 270 -11.14 30.45 4.63
CA ASP B 270 -11.31 29.02 4.79
C ASP B 270 -10.49 28.40 5.93
N LEU B 271 -9.48 29.13 6.39
CA LEU B 271 -8.63 28.62 7.45
C LEU B 271 -9.38 28.54 8.76
N PRO B 272 -9.14 27.50 9.57
CA PRO B 272 -8.21 26.38 9.36
C PRO B 272 -8.76 25.24 8.53
N LEU B 273 -7.90 24.58 7.78
CA LEU B 273 -8.33 23.39 7.06
C LEU B 273 -8.05 22.25 8.03
N LEU B 274 -9.07 21.47 8.34
CA LEU B 274 -9.00 20.34 9.24
C LEU B 274 -9.26 19.06 8.47
N TYR B 275 -8.26 18.20 8.39
CA TYR B 275 -8.40 16.93 7.72
C TYR B 275 -7.99 15.81 8.66
N VAL B 276 -8.71 14.69 8.55
CA VAL B 276 -8.40 13.48 9.29
C VAL B 276 -8.28 12.41 8.23
N GLY B 277 -7.05 11.98 7.94
CA GLY B 277 -6.86 10.96 6.92
C GLY B 277 -6.71 9.55 7.46
N VAL B 278 -7.05 8.57 6.64
CA VAL B 278 -6.90 7.16 7.01
C VAL B 278 -6.03 6.56 5.92
N SER B 279 -5.15 5.64 6.27
CA SER B 279 -4.36 5.00 5.24
C SER B 279 -3.34 4.01 5.78
N PRO B 280 -2.92 3.09 4.92
CA PRO B 280 -1.93 2.15 5.40
C PRO B 280 -0.67 3.03 5.32
N CYS B 281 0.38 2.63 6.03
CA CYS B 281 1.66 3.33 6.10
C CYS B 281 2.81 2.36 5.88
N PHE B 282 3.79 2.80 5.10
CA PHE B 282 4.94 1.99 4.81
C PHE B 282 6.28 2.62 5.21
N ARG B 283 7.07 1.89 5.98
CA ARG B 283 8.37 2.38 6.42
C ARG B 283 9.48 1.31 6.25
N LYS B 284 10.67 1.74 5.87
CA LYS B 284 11.78 0.83 5.68
C LYS B 284 12.33 0.41 7.03
N GLU B 285 12.30 1.32 8.00
CA GLU B 285 12.82 1.02 9.34
C GLU B 285 14.26 0.47 9.21
N ALA B 286 15.04 1.09 8.32
CA ALA B 286 16.41 0.69 8.02
C ALA B 286 17.41 0.66 9.17
N GLY B 287 17.32 1.62 10.08
CA GLY B 287 18.24 1.64 11.20
C GLY B 287 18.15 0.40 12.09
N THR B 288 17.21 -0.47 11.78
CA THR B 288 16.99 -1.69 12.55
C THR B 288 16.83 -2.92 11.64
N ALA B 289 16.31 -4.00 12.22
CA ALA B 289 16.09 -5.27 11.49
C ALA B 289 15.79 -6.28 12.60
N GLY B 290 16.38 -5.98 13.75
CA GLY B 290 16.25 -6.76 14.96
C GLY B 290 16.70 -5.84 16.07
N LYS B 291 15.75 -5.31 16.83
CA LYS B 291 16.05 -4.40 17.93
C LYS B 291 15.57 -5.02 19.25
N ASP B 292 14.25 -5.19 19.39
CA ASP B 292 13.66 -5.80 20.60
C ASP B 292 12.24 -6.37 20.47
N THR B 293 11.23 -5.51 20.47
CA THR B 293 9.84 -5.95 20.36
C THR B 293 9.63 -6.61 18.99
N LYS B 294 9.19 -7.87 18.97
CA LYS B 294 9.04 -8.60 17.70
C LYS B 294 7.64 -8.95 17.14
N GLY B 295 6.63 -8.14 17.49
CA GLY B 295 5.28 -8.38 16.98
C GLY B 295 4.84 -7.36 15.95
N ILE B 296 3.95 -6.45 16.32
CA ILE B 296 3.51 -5.40 15.39
C ILE B 296 3.76 -4.00 15.94
N PHE B 297 4.80 -3.88 16.77
CA PHE B 297 5.17 -2.59 17.37
C PHE B 297 6.03 -1.73 16.41
N ARG B 298 6.96 -2.36 15.71
CA ARG B 298 7.80 -1.69 14.73
C ARG B 298 7.80 -2.58 13.50
N VAL B 299 6.92 -2.28 12.55
CA VAL B 299 6.78 -3.08 11.35
C VAL B 299 6.89 -2.22 10.12
N HIS B 300 6.86 -2.85 8.95
CA HIS B 300 6.98 -2.15 7.67
C HIS B 300 5.66 -1.64 7.17
N GLN B 301 4.59 -2.17 7.75
CA GLN B 301 3.25 -1.85 7.31
C GLN B 301 2.24 -1.71 8.45
N PHE B 302 1.60 -0.55 8.54
CA PHE B 302 0.58 -0.36 9.57
C PHE B 302 -0.48 0.63 9.14
N HIS B 303 -1.57 0.64 9.87
CA HIS B 303 -2.68 1.52 9.60
C HIS B 303 -2.67 2.67 10.58
N LYS B 304 -2.97 3.88 10.12
CA LYS B 304 -3.01 5.03 11.03
C LYS B 304 -4.04 6.07 10.61
N VAL B 305 -4.77 6.62 11.58
CA VAL B 305 -5.73 7.70 11.31
C VAL B 305 -4.97 8.96 11.77
N GLU B 306 -4.71 9.85 10.80
CA GLU B 306 -3.93 11.07 10.97
C GLU B 306 -4.69 12.39 11.05
N GLN B 307 -4.24 13.30 11.92
CA GLN B 307 -4.86 14.61 12.03
C GLN B 307 -3.95 15.59 11.30
N PHE B 308 -4.51 16.41 10.41
CA PHE B 308 -3.67 17.39 9.70
C PHE B 308 -4.35 18.74 9.78
N VAL B 309 -3.57 19.79 10.00
CA VAL B 309 -4.15 21.12 10.12
C VAL B 309 -3.42 22.17 9.32
N TYR B 310 -4.18 22.92 8.53
CA TYR B 310 -3.61 24.04 7.78
C TYR B 310 -4.14 25.23 8.54
N SER B 311 -3.27 26.08 9.06
CA SER B 311 -3.78 27.24 9.79
C SER B 311 -2.99 28.53 9.62
N ARG B 312 -3.57 29.61 10.13
CA ARG B 312 -2.93 30.92 10.09
C ARG B 312 -1.78 30.83 11.11
N PRO B 313 -0.64 31.48 10.83
CA PRO B 313 0.45 31.40 11.80
C PRO B 313 0.02 31.75 13.23
N GLU B 314 -0.89 32.71 13.32
CA GLU B 314 -1.37 33.16 14.61
C GLU B 314 -2.26 32.13 15.34
N GLU B 315 -2.52 30.99 14.72
CA GLU B 315 -3.35 29.98 15.38
C GLU B 315 -2.65 28.65 15.53
N SER B 316 -1.51 28.48 14.86
CA SER B 316 -0.84 27.19 14.93
C SER B 316 -0.52 26.68 16.33
N TRP B 317 -0.05 27.54 17.23
CA TRP B 317 0.26 27.01 18.56
C TRP B 317 -0.95 26.56 19.34
N GLU B 318 -2.06 27.24 19.17
CA GLU B 318 -3.26 26.80 19.88
C GLU B 318 -3.74 25.46 19.30
N TRP B 319 -3.52 25.24 18.00
CA TRP B 319 -3.93 23.97 17.36
C TRP B 319 -3.03 22.81 17.75
N HIS B 320 -1.75 23.13 17.99
CA HIS B 320 -0.81 22.11 18.39
C HIS B 320 -1.39 21.56 19.68
N GLU B 321 -1.71 22.45 20.59
CA GLU B 321 -2.31 22.07 21.86
C GLU B 321 -3.65 21.30 21.71
N LYS B 322 -4.46 21.65 20.73
CA LYS B 322 -5.73 20.93 20.55
C LYS B 322 -5.60 19.52 19.95
N ILE B 323 -4.66 19.32 19.01
CA ILE B 323 -4.59 17.99 18.41
C ILE B 323 -3.97 16.92 19.30
N ILE B 324 -3.00 17.32 20.13
CA ILE B 324 -2.42 16.38 21.07
C ILE B 324 -3.56 15.96 22.05
N ARG B 325 -4.37 16.91 22.50
CA ARG B 325 -5.45 16.53 23.39
C ARG B 325 -6.51 15.68 22.69
N ASN B 326 -6.68 15.89 21.39
CA ASN B 326 -7.60 15.07 20.64
C ASN B 326 -7.09 13.63 20.81
N ALA B 327 -5.81 13.41 20.53
CA ALA B 327 -5.26 12.07 20.66
C ALA B 327 -5.33 11.55 22.10
N GLU B 328 -5.05 12.39 23.09
CA GLU B 328 -5.11 11.93 24.48
C GLU B 328 -6.50 11.40 24.78
N GLU B 329 -7.49 12.14 24.32
CA GLU B 329 -8.88 11.79 24.53
C GLU B 329 -9.19 10.37 24.04
N LEU B 330 -8.69 10.03 22.85
CA LEU B 330 -8.94 8.72 22.31
C LEU B 330 -8.35 7.66 23.21
N PHE B 331 -7.12 7.91 23.65
CA PHE B 331 -6.47 6.94 24.51
C PHE B 331 -7.10 6.86 25.89
N GLN B 332 -7.67 7.95 26.39
CA GLN B 332 -8.34 7.87 27.68
C GLN B 332 -9.61 7.06 27.59
N GLU B 333 -10.37 7.19 26.49
CA GLU B 333 -11.60 6.41 26.38
C GLU B 333 -11.22 4.94 26.16
N LEU B 334 -10.05 4.74 25.54
CA LEU B 334 -9.54 3.42 25.27
C LEU B 334 -9.01 2.83 26.59
N GLU B 335 -9.00 3.67 27.63
CA GLU B 335 -8.55 3.28 28.97
C GLU B 335 -7.10 2.81 29.00
N ILE B 336 -6.25 3.53 28.30
CA ILE B 336 -4.85 3.19 28.26
C ILE B 336 -4.09 4.21 29.09
N PRO B 337 -3.43 3.76 30.16
CA PRO B 337 -2.71 4.76 30.96
C PRO B 337 -1.47 5.25 30.17
N TYR B 338 -1.08 6.50 30.38
CA TYR B 338 0.01 7.04 29.60
C TYR B 338 0.61 8.30 30.20
N ARG B 339 1.63 8.82 29.53
CA ARG B 339 2.25 10.07 29.94
C ARG B 339 2.53 10.79 28.63
N VAL B 340 2.63 12.10 28.66
CA VAL B 340 2.90 12.77 27.42
C VAL B 340 4.22 13.46 27.61
N VAL B 341 5.03 13.48 26.56
CA VAL B 341 6.33 14.10 26.62
C VAL B 341 6.61 15.20 25.57
N ASN B 342 7.27 16.24 26.05
CA ASN B 342 7.68 17.33 25.20
C ASN B 342 9.08 16.87 24.76
N ILE B 343 9.24 16.67 23.46
CA ILE B 343 10.45 16.16 22.85
C ILE B 343 11.60 17.15 22.82
N CYS B 344 12.78 16.72 23.26
CA CYS B 344 13.95 17.58 23.32
C CYS B 344 14.57 17.74 21.94
N THR B 345 15.38 18.80 21.77
CA THR B 345 16.02 19.11 20.50
C THR B 345 16.71 17.94 19.81
N GLY B 346 17.34 17.07 20.61
CA GLY B 346 18.04 15.92 20.04
C GLY B 346 17.18 14.84 19.42
N ASP B 347 15.96 14.68 19.92
CA ASP B 347 15.06 13.65 19.40
C ASP B 347 13.93 14.33 18.59
N LEU B 348 14.02 15.65 18.45
CA LEU B 348 12.97 16.38 17.75
C LEU B 348 12.71 16.05 16.29
N GLY B 349 13.74 16.01 15.47
CA GLY B 349 13.47 15.76 14.07
C GLY B 349 13.59 17.09 13.33
N TYR B 350 13.70 17.02 12.01
CA TYR B 350 13.88 18.19 11.18
C TYR B 350 12.70 19.07 10.83
N VAL B 351 11.48 18.53 10.75
CA VAL B 351 10.39 19.39 10.33
C VAL B 351 9.57 20.05 11.43
N ALA B 352 9.64 19.51 12.64
CA ALA B 352 8.89 20.09 13.74
C ALA B 352 9.60 21.25 14.44
N ALA B 353 8.82 22.19 14.95
CA ALA B 353 9.34 23.34 15.67
C ALA B 353 9.13 22.96 17.15
N LYS B 354 8.19 22.04 17.37
CA LYS B 354 7.88 21.50 18.68
C LYS B 354 7.05 20.23 18.53
N LYS B 355 7.27 19.25 19.40
CA LYS B 355 6.54 18.00 19.32
C LYS B 355 6.19 17.36 20.65
N TYR B 356 4.97 16.80 20.74
CA TYR B 356 4.52 16.09 21.92
C TYR B 356 4.27 14.64 21.53
N ASP B 357 4.67 13.73 22.40
CA ASP B 357 4.44 12.32 22.16
C ASP B 357 3.60 11.80 23.28
N ILE B 358 2.77 10.80 22.98
CA ILE B 358 2.02 10.17 24.03
C ILE B 358 2.68 8.81 24.13
N GLU B 359 3.14 8.50 25.35
CA GLU B 359 3.77 7.22 25.59
C GLU B 359 2.84 6.41 26.48
N ALA B 360 2.33 5.33 25.91
CA ALA B 360 1.44 4.44 26.61
C ALA B 360 2.24 3.50 27.51
N TRP B 361 1.75 3.32 28.73
CA TRP B 361 2.39 2.41 29.65
C TRP B 361 2.10 1.03 29.06
N MET B 362 3.14 0.20 28.98
CA MET B 362 3.02 -1.17 28.44
C MET B 362 3.40 -2.17 29.53
N PRO B 363 2.39 -2.73 30.23
CA PRO B 363 2.56 -3.71 31.29
C PRO B 363 3.54 -4.84 31.01
N GLY B 364 3.42 -5.45 29.84
CA GLY B 364 4.30 -6.54 29.50
C GLY B 364 5.75 -6.10 29.32
N GLN B 365 5.95 -4.99 28.62
CA GLN B 365 7.28 -4.48 28.38
C GLN B 365 7.87 -3.88 29.63
N GLY B 366 6.98 -3.43 30.51
CA GLY B 366 7.42 -2.78 31.72
C GLY B 366 7.94 -1.40 31.39
N LYS B 367 7.31 -0.68 30.46
CA LYS B 367 7.74 0.68 30.12
C LYS B 367 6.80 1.47 29.24
N PHE B 368 7.04 2.77 29.17
CA PHE B 368 6.23 3.69 28.36
C PHE B 368 6.76 3.66 26.93
N ARG B 369 5.88 3.46 25.96
CA ARG B 369 6.31 3.46 24.56
C ARG B 369 5.49 4.43 23.72
N GLU B 370 6.17 5.12 22.81
CA GLU B 370 5.52 6.08 21.92
C GLU B 370 4.34 5.42 21.21
N VAL B 371 3.19 6.08 21.24
CA VAL B 371 2.02 5.51 20.58
C VAL B 371 1.43 6.56 19.61
N VAL B 372 1.72 7.82 19.90
CA VAL B 372 1.25 8.93 19.08
C VAL B 372 2.25 10.05 19.21
N SER B 373 2.36 10.84 18.16
CA SER B 373 3.24 11.99 18.13
C SER B 373 2.49 13.18 17.46
N ALA B 374 2.66 14.39 17.97
CA ALA B 374 1.97 15.56 17.41
C ALA B 374 2.93 16.72 17.21
N SER B 375 2.89 17.34 16.04
CA SER B 375 3.83 18.43 15.75
C SER B 375 3.23 19.68 15.17
N ASN B 376 3.97 20.77 15.30
CA ASN B 376 3.64 22.03 14.70
C ASN B 376 4.88 22.23 13.82
N CYS B 377 4.64 22.24 12.52
CA CYS B 377 5.72 22.35 11.56
C CYS B 377 5.90 23.78 11.14
N THR B 378 5.13 24.66 11.75
CA THR B 378 5.30 26.07 11.44
C THR B 378 5.17 26.28 9.91
N ASP B 379 6.10 26.98 9.29
CA ASP B 379 6.04 27.23 7.85
C ASP B 379 7.08 26.43 7.07
N TRP B 380 7.68 25.45 7.73
CA TRP B 380 8.70 24.60 7.10
C TRP B 380 8.16 23.82 5.87
N GLN B 381 7.07 23.07 6.03
CA GLN B 381 6.51 22.34 4.89
C GLN B 381 5.85 23.30 3.94
N ALA B 382 5.19 24.33 4.48
CA ALA B 382 4.50 25.29 3.64
C ALA B 382 5.47 25.99 2.68
N ARG B 383 6.66 26.32 3.16
CA ARG B 383 7.64 26.98 2.31
C ARG B 383 8.13 26.04 1.21
N ARG B 384 8.20 24.75 1.49
CA ARG B 384 8.67 23.79 0.50
C ARG B 384 7.61 23.44 -0.54
N LEU B 385 6.37 23.28 -0.11
CA LEU B 385 5.29 22.91 -1.03
C LEU B 385 4.59 24.12 -1.62
N ASN B 386 5.07 25.31 -1.24
CA ASN B 386 4.54 26.59 -1.71
C ASN B 386 3.04 26.78 -1.36
N ILE B 387 2.73 26.64 -0.08
CA ILE B 387 1.36 26.78 0.41
C ILE B 387 1.20 28.10 1.14
N ARG B 388 0.44 29.00 0.54
CA ARG B 388 0.21 30.33 1.12
C ARG B 388 -1.28 30.64 1.21
N PHE B 389 -1.61 31.73 1.89
CA PHE B 389 -3.00 32.16 2.03
C PHE B 389 -3.05 33.67 1.94
N ARG B 390 -4.26 34.19 1.83
CA ARG B 390 -4.46 35.62 1.72
C ARG B 390 -5.90 35.90 2.08
N ASP B 391 -6.15 36.93 2.87
CA ASP B 391 -7.53 37.26 3.23
C ASP B 391 -8.19 38.14 2.17
N ARG B 392 -7.41 39.05 1.60
CA ARG B 392 -7.89 39.95 0.58
C ARG B 392 -7.06 39.72 -0.66
N THR B 393 -7.71 39.60 -1.81
CA THR B 393 -7.00 39.38 -3.06
C THR B 393 -5.95 40.46 -3.31
N ASP B 394 -5.98 41.49 -2.46
CA ASP B 394 -5.08 42.64 -2.53
C ASP B 394 -3.67 42.38 -1.97
N GLU B 395 -3.62 41.81 -0.76
CA GLU B 395 -2.38 41.54 -0.02
C GLU B 395 -1.41 40.49 -0.55
N LYS B 396 -0.15 40.63 -0.12
CA LYS B 396 0.91 39.69 -0.48
C LYS B 396 0.56 38.39 0.21
N PRO B 397 0.53 37.28 -0.51
CA PRO B 397 0.19 36.02 0.17
C PRO B 397 1.26 35.61 1.15
N ARG B 398 0.88 35.11 2.33
CA ARG B 398 1.90 34.65 3.25
C ARG B 398 1.74 33.16 3.54
N TYR B 399 2.82 32.54 3.99
CA TYR B 399 2.81 31.11 4.27
C TYR B 399 1.95 30.69 5.43
N VAL B 400 1.25 29.57 5.25
CA VAL B 400 0.43 29.03 6.32
C VAL B 400 1.36 28.24 7.22
N HIS B 401 0.79 27.67 8.27
CA HIS B 401 1.55 26.80 9.14
C HIS B 401 0.82 25.49 9.01
N THR B 402 1.55 24.40 9.24
CA THR B 402 0.91 23.11 9.15
C THR B 402 1.19 22.35 10.43
N LEU B 403 0.30 21.43 10.74
CA LEU B 403 0.45 20.60 11.90
C LEU B 403 -0.07 19.20 11.60
N ASN B 404 0.48 18.23 12.32
CA ASN B 404 0.02 16.86 12.17
C ASN B 404 0.12 16.15 13.51
N SER B 405 -0.75 15.19 13.70
CA SER B 405 -0.73 14.42 14.91
C SER B 405 -1.46 13.13 14.73
N THR B 406 -0.88 12.07 15.27
CA THR B 406 -1.51 10.77 15.22
C THR B 406 -2.88 10.87 15.93
N ALA B 407 -3.89 10.18 15.42
CA ALA B 407 -5.19 10.12 16.12
C ALA B 407 -4.95 8.75 16.77
N ILE B 408 -4.90 7.71 15.94
CA ILE B 408 -4.58 6.36 16.37
C ILE B 408 -3.83 5.59 15.28
N ALA B 409 -2.67 5.06 15.65
CA ALA B 409 -1.89 4.20 14.74
C ALA B 409 -2.35 2.85 15.32
N THR B 410 -3.14 2.09 14.55
CA THR B 410 -3.69 0.82 15.03
C THR B 410 -2.69 -0.21 15.53
N SER B 411 -1.53 -0.30 14.92
CA SER B 411 -0.52 -1.24 15.35
C SER B 411 -0.23 -1.09 16.86
N ARG B 412 0.25 0.10 17.26
CA ARG B 412 0.59 0.31 18.66
C ARG B 412 -0.58 0.45 19.59
N ALA B 413 -1.73 0.85 19.07
CA ALA B 413 -2.90 0.96 19.91
C ALA B 413 -3.29 -0.48 20.25
N ILE B 414 -3.08 -1.39 19.32
CA ILE B 414 -3.41 -2.77 19.56
C ILE B 414 -2.45 -3.39 20.58
N VAL B 415 -1.16 -3.07 20.51
CA VAL B 415 -0.30 -3.68 21.52
C VAL B 415 -0.68 -3.09 22.89
N ALA B 416 -1.04 -1.81 22.92
CA ALA B 416 -1.44 -1.16 24.15
C ALA B 416 -2.72 -1.78 24.76
N ILE B 417 -3.67 -2.10 23.90
CA ILE B 417 -4.89 -2.70 24.39
C ILE B 417 -4.60 -4.13 24.86
N LEU B 418 -3.82 -4.88 24.09
CA LEU B 418 -3.50 -6.25 24.50
C LEU B 418 -2.74 -6.28 25.85
N GLU B 419 -1.72 -5.44 26.00
CA GLU B 419 -0.96 -5.47 27.23
C GLU B 419 -1.61 -4.84 28.47
N ASN B 420 -2.43 -3.80 28.29
CA ASN B 420 -3.07 -3.15 29.44
C ASN B 420 -4.38 -3.78 29.87
N HIS B 421 -4.99 -4.55 28.97
CA HIS B 421 -6.26 -5.16 29.28
C HIS B 421 -6.25 -6.68 29.33
N GLN B 422 -5.06 -7.28 29.40
CA GLN B 422 -4.99 -8.73 29.49
C GLN B 422 -5.34 -9.14 30.91
N GLU B 423 -5.90 -10.32 31.07
CA GLU B 423 -6.21 -10.82 32.39
C GLU B 423 -5.13 -11.85 32.64
N GLU B 424 -5.12 -12.44 33.82
CA GLU B 424 -4.10 -13.42 34.11
C GLU B 424 -4.20 -14.64 33.20
N ASP B 425 -5.43 -15.06 32.87
CA ASP B 425 -5.61 -16.25 32.02
C ASP B 425 -5.34 -16.08 30.54
N GLY B 426 -4.97 -14.85 30.15
CA GLY B 426 -4.68 -14.58 28.76
C GLY B 426 -5.76 -13.85 27.96
N THR B 427 -6.98 -13.79 28.48
CA THR B 427 -8.00 -13.13 27.70
C THR B 427 -7.82 -11.64 27.80
N VAL B 428 -8.24 -10.94 26.75
CA VAL B 428 -8.14 -9.50 26.74
C VAL B 428 -9.55 -8.94 26.66
N ARG B 429 -9.85 -8.00 27.54
CA ARG B 429 -11.16 -7.37 27.56
C ARG B 429 -10.99 -6.14 26.69
N ILE B 430 -11.85 -5.96 25.69
CA ILE B 430 -11.69 -4.79 24.87
C ILE B 430 -12.50 -3.70 25.57
N PRO B 431 -12.00 -2.45 25.58
CA PRO B 431 -12.67 -1.32 26.23
C PRO B 431 -14.10 -1.12 25.71
N LYS B 432 -14.98 -0.60 26.56
CA LYS B 432 -16.39 -0.36 26.24
C LYS B 432 -16.64 0.51 25.03
N VAL B 433 -15.94 1.64 24.96
CA VAL B 433 -16.13 2.58 23.86
C VAL B 433 -15.98 1.91 22.50
N LEU B 434 -15.29 0.76 22.46
CA LEU B 434 -15.14 0.05 21.20
C LEU B 434 -16.16 -1.05 20.93
N TRP B 435 -17.01 -1.35 21.91
CA TRP B 435 -18.01 -2.41 21.75
C TRP B 435 -18.96 -2.21 20.57
N LYS B 436 -19.37 -0.95 20.37
CA LYS B 436 -20.27 -0.62 19.30
C LYS B 436 -19.60 -0.94 17.97
N TYR B 437 -18.28 -0.98 17.96
CA TYR B 437 -17.55 -1.27 16.74
C TYR B 437 -17.15 -2.72 16.56
N THR B 438 -16.63 -3.34 17.61
CA THR B 438 -16.17 -4.72 17.51
C THR B 438 -17.25 -5.79 17.60
N GLY B 439 -18.30 -5.53 18.36
CA GLY B 439 -19.34 -6.53 18.51
C GLY B 439 -19.03 -7.39 19.73
N PHE B 440 -17.83 -7.94 19.80
CA PHE B 440 -17.43 -8.76 20.92
C PHE B 440 -16.91 -7.91 22.09
N LYS B 441 -17.09 -8.38 23.32
CA LYS B 441 -16.64 -7.61 24.47
C LYS B 441 -15.26 -7.99 24.95
N GLU B 442 -14.71 -9.08 24.44
CA GLU B 442 -13.36 -9.46 24.85
C GLU B 442 -12.88 -10.53 23.88
N ILE B 443 -11.61 -10.93 24.02
CA ILE B 443 -11.02 -11.95 23.17
C ILE B 443 -10.42 -13.04 24.05
N VAL B 444 -10.96 -14.24 23.94
CA VAL B 444 -10.46 -15.32 24.77
C VAL B 444 -9.53 -16.25 24.02
N PRO B 445 -8.61 -16.88 24.73
CA PRO B 445 -7.64 -17.82 24.18
C PRO B 445 -8.24 -18.91 23.32
N VAL B 446 -7.39 -19.54 22.52
CA VAL B 446 -7.77 -20.65 21.67
C VAL B 446 -6.88 -21.78 22.17
N GLU B 447 -7.21 -23.01 21.81
CA GLU B 447 -6.40 -24.15 22.24
C GLU B 447 -6.02 -25.09 21.09
#